data_4AVL
#
_entry.id   4AVL
#
_cell.length_a   54.890
_cell.length_b   121.240
_cell.length_c   129.020
_cell.angle_alpha   90.00
_cell.angle_beta   90.00
_cell.angle_gamma   90.00
#
_symmetry.space_group_name_H-M   'P 21 21 21'
#
loop_
_entity.id
_entity.type
_entity.pdbx_description
1 polymer 'POLYMERASE PA'
2 non-polymer 'MANGANESE (II) ION'
3 non-polymer "THYMIDINE-5'-PHOSPHATE"
4 water water
#
_entity_poly.entity_id   1
_entity_poly.type   'polypeptide(L)'
_entity_poly.pdbx_seq_one_letter_code
;MGSGMAMEDFVRQCFNPMIVELAEKAMKEYGEDPKIETNKFAAICTHLEVCFMYSDFHFIDERGESIIVESGDPNALLKH
RFEIIEGRDRIMAWTVVNSICNTTGVEKPKFLPDLYDYKENRFIEIGVTRREVHIYYLEKANKIKSEKTHIHIFSFTGEE
MATKADYTLDEESRARIKTRLFTIRQEMASRSLWDSFRQSERGE
;
_entity_poly.pdbx_strand_id   A,B,C,D
#
# COMPACT_ATOMS: atom_id res chain seq x y z
N ALA A 6 -23.64 -18.44 -5.79
CA ALA A 6 -22.25 -18.41 -5.24
C ALA A 6 -21.44 -17.32 -5.94
N MET A 7 -21.84 -16.89 -7.13
CA MET A 7 -21.09 -15.78 -7.76
C MET A 7 -21.19 -14.51 -6.91
N GLU A 8 -22.39 -14.27 -6.37
CA GLU A 8 -22.64 -13.18 -5.42
C GLU A 8 -21.62 -13.23 -4.29
N ASP A 9 -21.46 -14.42 -3.72
CA ASP A 9 -20.53 -14.63 -2.61
C ASP A 9 -19.10 -14.38 -3.09
N PHE A 10 -18.79 -14.87 -4.28
CA PHE A 10 -17.47 -14.65 -4.85
C PHE A 10 -17.17 -13.15 -4.93
N VAL A 11 -18.11 -12.40 -5.49
CA VAL A 11 -17.94 -10.95 -5.67
C VAL A 11 -17.70 -10.23 -4.34
N ARG A 12 -18.52 -10.52 -3.32
CA ARG A 12 -18.40 -9.83 -2.06
C ARG A 12 -17.15 -10.27 -1.29
N GLN A 13 -16.67 -11.47 -1.56
CA GLN A 13 -15.49 -11.97 -0.88
C GLN A 13 -14.19 -11.53 -1.57
N CYS A 14 -14.20 -11.31 -2.88
CA CYS A 14 -12.97 -11.12 -3.63
C CYS A 14 -12.77 -9.74 -4.29
N PHE A 15 -13.71 -8.80 -4.12
CA PHE A 15 -13.50 -7.41 -4.51
C PHE A 15 -13.54 -6.52 -3.30
N ASN A 16 -12.84 -5.42 -3.37
CA ASN A 16 -12.87 -4.44 -2.32
C ASN A 16 -14.33 -3.91 -2.13
N PRO A 17 -14.74 -3.70 -0.87
CA PRO A 17 -16.17 -3.39 -0.70
C PRO A 17 -16.61 -2.10 -1.35
N MET A 18 -15.73 -1.12 -1.48
N MET A 18 -15.70 -1.13 -1.46
CA MET A 18 -16.10 0.12 -2.17
CA MET A 18 -15.99 0.10 -2.17
C MET A 18 -16.43 -0.18 -3.63
C MET A 18 -16.40 -0.20 -3.59
N ILE A 19 -15.63 -1.04 -4.28
CA ILE A 19 -15.93 -1.49 -5.62
C ILE A 19 -17.31 -2.19 -5.71
N VAL A 20 -17.59 -3.08 -4.79
CA VAL A 20 -18.86 -3.82 -4.85
C VAL A 20 -20.03 -2.84 -4.60
N GLU A 21 -19.93 -1.94 -3.62
CA GLU A 21 -20.98 -0.90 -3.40
C GLU A 21 -21.23 -0.03 -4.60
N LEU A 22 -20.16 0.39 -5.28
CA LEU A 22 -20.30 1.15 -6.50
C LEU A 22 -20.90 0.36 -7.66
N ALA A 23 -20.58 -0.93 -7.78
CA ALA A 23 -21.18 -1.78 -8.77
C ALA A 23 -22.70 -1.94 -8.50
N GLU A 24 -23.08 -2.08 -7.23
CA GLU A 24 -24.50 -2.16 -6.86
C GLU A 24 -25.24 -0.87 -7.25
N LYS A 25 -24.62 0.25 -6.96
CA LYS A 25 -25.14 1.55 -7.28
C LYS A 25 -25.39 1.65 -8.80
N ALA A 26 -24.43 1.27 -9.61
CA ALA A 26 -24.56 1.39 -11.07
C ALA A 26 -25.68 0.49 -11.59
N MET A 27 -25.77 -0.71 -11.03
CA MET A 27 -26.85 -1.61 -11.45
C MET A 27 -28.20 -1.07 -11.09
N LYS A 28 -28.35 -0.50 -9.90
CA LYS A 28 -29.62 0.06 -9.52
C LYS A 28 -30.00 1.25 -10.48
N GLU A 29 -29.00 2.04 -10.84
CA GLU A 29 -29.26 3.16 -11.75
C GLU A 29 -29.72 2.65 -13.11
N TYR A 30 -29.10 1.55 -13.57
CA TYR A 30 -29.53 0.88 -14.80
C TYR A 30 -30.83 0.07 -14.72
N GLY A 31 -31.35 -0.20 -13.52
CA GLY A 31 -32.53 -1.02 -13.38
C GLY A 31 -32.29 -2.52 -13.38
N GLU A 32 -31.06 -2.92 -13.05
CA GLU A 32 -30.70 -4.32 -13.08
C GLU A 32 -30.38 -4.78 -11.68
N ASP A 33 -30.69 -6.04 -11.43
CA ASP A 33 -30.62 -6.63 -10.09
C ASP A 33 -29.35 -7.48 -9.98
N PRO A 34 -28.41 -7.07 -9.10
CA PRO A 34 -27.16 -7.77 -8.92
C PRO A 34 -27.38 -9.10 -8.27
N LYS A 35 -28.58 -9.32 -7.77
CA LYS A 35 -28.96 -10.60 -7.18
C LYS A 35 -29.43 -11.56 -8.24
N ILE A 36 -29.76 -11.05 -9.42
CA ILE A 36 -30.17 -11.86 -10.53
C ILE A 36 -29.11 -11.94 -11.59
N GLU A 37 -28.63 -10.78 -12.05
CA GLU A 37 -27.62 -10.76 -13.08
C GLU A 37 -26.23 -10.80 -12.44
N THR A 38 -25.87 -11.98 -11.94
CA THR A 38 -24.74 -12.08 -11.03
C THR A 38 -23.45 -12.10 -11.83
N ASN A 39 -23.46 -12.68 -13.01
CA ASN A 39 -22.27 -12.60 -13.87
C ASN A 39 -21.99 -11.17 -14.35
N LYS A 40 -23.04 -10.44 -14.69
CA LYS A 40 -22.86 -9.01 -15.03
C LYS A 40 -22.34 -8.20 -13.84
N PHE A 41 -22.90 -8.44 -12.66
CA PHE A 41 -22.38 -7.88 -11.43
C PHE A 41 -20.86 -8.09 -11.34
N ALA A 42 -20.40 -9.31 -11.51
CA ALA A 42 -18.94 -9.56 -11.48
C ALA A 42 -18.17 -8.79 -12.56
N ALA A 43 -18.74 -8.75 -13.75
CA ALA A 43 -18.13 -8.03 -14.89
C ALA A 43 -18.00 -6.52 -14.62
N ILE A 44 -19.01 -5.95 -13.98
CA ILE A 44 -19.03 -4.50 -13.63
C ILE A 44 -17.99 -4.22 -12.54
N CYS A 45 -17.86 -5.11 -11.55
CA CYS A 45 -16.85 -4.99 -10.53
C CYS A 45 -15.44 -5.00 -11.17
N THR A 46 -15.23 -5.95 -12.05
CA THR A 46 -13.92 -6.18 -12.67
C THR A 46 -13.56 -4.94 -13.52
N HIS A 47 -14.54 -4.47 -14.26
CA HIS A 47 -14.29 -3.32 -15.15
C HIS A 47 -14.03 -2.10 -14.31
N LEU A 48 -14.77 -1.88 -13.22
CA LEU A 48 -14.51 -0.72 -12.38
C LEU A 48 -13.13 -0.78 -11.75
N GLU A 49 -12.75 -1.97 -11.28
CA GLU A 49 -11.45 -2.16 -10.67
C GLU A 49 -10.31 -1.83 -11.67
N VAL A 50 -10.44 -2.26 -12.92
CA VAL A 50 -9.44 -1.99 -13.93
C VAL A 50 -9.36 -0.48 -14.20
N CYS A 51 -10.52 0.19 -14.26
CA CYS A 51 -10.54 1.67 -14.40
C CYS A 51 -9.76 2.35 -13.27
N PHE A 52 -9.99 1.93 -12.03
CA PHE A 52 -9.34 2.50 -10.91
C PHE A 52 -7.83 2.17 -10.92
N MET A 53 -7.46 0.94 -11.29
CA MET A 53 -6.06 0.58 -11.43
C MET A 53 -5.36 1.34 -12.52
N TYR A 54 -6.08 1.64 -13.61
CA TYR A 54 -5.49 2.34 -14.74
C TYR A 54 -5.11 3.77 -14.33
N SER A 55 -5.92 4.39 -13.49
CA SER A 55 -5.69 5.75 -13.02
CA SER A 55 -5.63 5.75 -13.03
C SER A 55 -4.72 5.81 -11.83
N ASP A 56 -4.90 4.92 -10.86
CA ASP A 56 -4.08 4.95 -9.64
C ASP A 56 -2.56 5.06 -9.84
N PHE A 57 -1.92 5.88 -9.01
CA PHE A 57 -0.46 6.10 -9.05
C PHE A 57 0.07 6.96 -10.22
N HIS A 58 -0.77 7.27 -11.21
CA HIS A 58 -0.35 8.05 -12.38
C HIS A 58 -0.61 9.54 -12.22
N PHE A 59 0.46 10.31 -12.28
CA PHE A 59 0.43 11.76 -12.01
C PHE A 59 1.18 12.53 -13.09
N ILE A 60 0.91 13.83 -13.16
CA ILE A 60 1.68 14.74 -14.01
C ILE A 60 2.37 15.77 -13.11
N LEU A 78 1.36 17.60 -7.74
CA LEU A 78 0.94 16.35 -8.35
C LEU A 78 -0.56 16.30 -8.59
N LYS A 79 -0.96 16.64 -9.81
CA LYS A 79 -2.34 16.41 -10.24
C LYS A 79 -2.43 14.99 -10.83
N HIS A 80 -3.60 14.37 -10.67
CA HIS A 80 -3.88 13.09 -11.30
C HIS A 80 -3.75 13.20 -12.80
N ARG A 81 -3.10 12.22 -13.44
CA ARG A 81 -3.02 12.20 -14.90
C ARG A 81 -4.42 11.91 -15.52
N PHE A 82 -5.19 11.08 -14.82
CA PHE A 82 -6.49 10.71 -15.33
C PHE A 82 -7.61 11.22 -14.46
N GLU A 83 -8.70 11.59 -15.14
CA GLU A 83 -9.98 11.80 -14.50
C GLU A 83 -10.79 10.54 -14.63
N ILE A 84 -11.34 10.07 -13.52
CA ILE A 84 -12.15 8.85 -13.52
C ILE A 84 -13.63 9.22 -13.77
N ILE A 85 -14.22 8.68 -14.83
CA ILE A 85 -15.63 8.99 -15.16
C ILE A 85 -16.52 7.77 -14.80
N GLU A 86 -16.00 6.59 -15.01
CA GLU A 86 -16.70 5.40 -14.62
C GLU A 86 -16.82 5.36 -13.13
N GLY A 87 -17.97 4.82 -12.64
CA GLY A 87 -18.22 4.76 -11.22
C GLY A 87 -19.12 5.91 -10.75
N ARG A 88 -19.18 6.97 -11.54
CA ARG A 88 -20.02 8.10 -11.19
C ARG A 88 -21.41 7.81 -11.78
N ASP A 89 -22.45 8.36 -11.21
CA ASP A 89 -23.79 8.26 -11.87
C ASP A 89 -23.81 9.09 -13.15
N ARG A 90 -24.86 8.94 -13.97
CA ARG A 90 -24.84 9.61 -15.28
C ARG A 90 -24.74 11.10 -15.11
N ILE A 91 -25.43 11.66 -14.10
CA ILE A 91 -25.51 13.13 -13.91
C ILE A 91 -24.13 13.68 -13.62
N MET A 92 -23.45 13.06 -12.66
CA MET A 92 -22.12 13.49 -12.32
C MET A 92 -21.12 13.20 -13.41
N ALA A 93 -21.23 12.03 -14.05
CA ALA A 93 -20.38 11.72 -15.18
C ALA A 93 -20.47 12.76 -16.32
N TRP A 94 -21.67 13.17 -16.68
CA TRP A 94 -21.78 14.29 -17.70
C TRP A 94 -21.31 15.62 -17.18
N THR A 95 -21.48 15.86 -15.88
CA THR A 95 -21.00 17.08 -15.33
C THR A 95 -19.49 17.21 -15.57
N VAL A 96 -18.80 16.11 -15.28
CA VAL A 96 -17.33 16.05 -15.43
C VAL A 96 -16.88 16.08 -16.86
N VAL A 97 -17.53 15.31 -17.72
CA VAL A 97 -17.23 15.32 -19.17
C VAL A 97 -17.43 16.73 -19.75
N ASN A 98 -18.57 17.36 -19.46
CA ASN A 98 -18.85 18.72 -19.95
C ASN A 98 -17.77 19.72 -19.55
N SER A 99 -17.39 19.68 -18.28
CA SER A 99 -16.33 20.54 -17.74
C SER A 99 -14.99 20.37 -18.48
N ILE A 100 -14.61 19.13 -18.71
CA ILE A 100 -13.37 18.82 -19.41
C ILE A 100 -13.42 19.34 -20.83
N CYS A 101 -14.55 19.10 -21.50
CA CYS A 101 -14.67 19.54 -22.92
C CYS A 101 -14.66 21.04 -22.97
N ASN A 102 -15.37 21.66 -22.03
CA ASN A 102 -15.42 23.16 -22.01
C ASN A 102 -14.01 23.76 -21.79
N THR A 103 -13.28 23.22 -20.83
CA THR A 103 -11.99 23.81 -20.43
C THR A 103 -10.84 23.39 -21.35
N THR A 104 -10.91 22.24 -22.00
CA THR A 104 -9.81 21.79 -22.90
C THR A 104 -10.15 21.95 -24.39
N GLY A 105 -11.42 22.13 -24.72
CA GLY A 105 -11.81 22.16 -26.12
C GLY A 105 -11.82 20.82 -26.81
N VAL A 106 -11.60 19.71 -26.11
CA VAL A 106 -11.65 18.42 -26.78
C VAL A 106 -13.10 18.12 -27.20
N GLU A 107 -13.27 17.45 -28.32
CA GLU A 107 -14.57 17.02 -28.85
C GLU A 107 -15.38 16.25 -27.81
N LYS A 108 -16.66 16.55 -27.74
CA LYS A 108 -17.49 15.91 -26.73
C LYS A 108 -17.95 14.55 -27.21
N PRO A 109 -17.71 13.50 -26.41
CA PRO A 109 -18.21 12.21 -26.85
C PRO A 109 -19.74 12.11 -26.80
N LYS A 110 -20.31 11.18 -27.55
CA LYS A 110 -21.75 11.04 -27.64
C LYS A 110 -22.21 10.01 -26.62
N PHE A 111 -21.25 9.27 -26.05
CA PHE A 111 -21.51 8.32 -24.96
C PHE A 111 -20.46 8.53 -23.85
N LEU A 112 -20.82 8.27 -22.59
CA LEU A 112 -19.89 8.43 -21.47
C LEU A 112 -18.70 7.47 -21.60
N PRO A 113 -17.49 8.00 -21.63
CA PRO A 113 -16.29 7.12 -21.60
C PRO A 113 -15.93 6.82 -20.18
N ASP A 114 -14.79 6.14 -19.99
CA ASP A 114 -14.34 5.67 -18.66
C ASP A 114 -13.37 6.59 -17.94
N LEU A 115 -12.42 7.18 -18.69
CA LEU A 115 -11.45 8.07 -18.18
C LEU A 115 -11.21 9.24 -19.12
N TYR A 116 -10.59 10.29 -18.57
CA TYR A 116 -9.90 11.30 -19.39
C TYR A 116 -8.45 11.38 -19.03
N ASP A 117 -7.63 11.47 -20.04
CA ASP A 117 -6.18 11.50 -19.91
C ASP A 117 -5.75 12.94 -20.11
N TYR A 118 -5.38 13.62 -19.04
CA TYR A 118 -4.92 15.00 -19.13
C TYR A 118 -3.55 15.13 -19.87
N LYS A 119 -2.73 14.09 -19.90
CA LYS A 119 -1.44 14.15 -20.58
C LYS A 119 -1.62 14.11 -22.09
N GLU A 120 -2.38 13.13 -22.58
CA GLU A 120 -2.62 12.99 -24.02
C GLU A 120 -3.83 13.77 -24.50
N ASN A 121 -4.56 14.40 -23.58
CA ASN A 121 -5.84 15.14 -23.86
C ASN A 121 -6.81 14.37 -24.75
N ARG A 122 -7.22 13.23 -24.22
CA ARG A 122 -8.19 12.40 -24.89
C ARG A 122 -8.94 11.56 -23.88
N PHE A 123 -10.20 11.27 -24.22
CA PHE A 123 -10.97 10.29 -23.44
C PHE A 123 -10.50 8.89 -23.80
N ILE A 124 -10.77 7.99 -22.84
CA ILE A 124 -10.43 6.57 -22.95
C ILE A 124 -11.65 5.73 -22.58
N GLU A 125 -11.94 4.75 -23.41
CA GLU A 125 -12.92 3.72 -23.16
C GLU A 125 -12.13 2.41 -22.93
N ILE A 126 -12.38 1.84 -21.76
CA ILE A 126 -11.79 0.60 -21.28
C ILE A 126 -12.77 -0.54 -21.48
N GLY A 127 -12.29 -1.64 -22.07
CA GLY A 127 -13.10 -2.86 -22.17
C GLY A 127 -12.34 -3.97 -21.48
N VAL A 128 -13.07 -4.81 -20.74
CA VAL A 128 -12.51 -6.01 -20.16
C VAL A 128 -13.36 -7.16 -20.71
N THR A 129 -12.75 -8.08 -21.43
CA THR A 129 -13.49 -9.04 -22.19
C THR A 129 -13.10 -10.48 -21.89
N ARG A 130 -14.09 -11.33 -21.85
CA ARG A 130 -13.85 -12.76 -21.85
C ARG A 130 -14.07 -13.41 -23.22
N ARG A 131 -14.12 -12.62 -24.28
CA ARG A 131 -14.00 -13.13 -25.68
C ARG A 131 -12.75 -12.53 -26.37
N GLU A 132 -12.54 -12.83 -27.66
CA GLU A 132 -11.40 -12.29 -28.42
C GLU A 132 -11.32 -10.75 -28.25
N VAL A 133 -10.13 -10.21 -27.98
CA VAL A 133 -9.98 -8.76 -27.77
C VAL A 133 -10.43 -7.93 -28.98
N HIS A 134 -10.20 -8.44 -30.19
CA HIS A 134 -10.66 -7.73 -31.41
C HIS A 134 -12.15 -7.59 -31.47
N ILE A 135 -12.86 -8.60 -30.99
CA ILE A 135 -14.33 -8.56 -31.05
C ILE A 135 -14.82 -7.42 -30.20
N TYR A 136 -14.33 -7.34 -28.98
CA TYR A 136 -14.75 -6.27 -28.10
C TYR A 136 -14.29 -4.89 -28.56
N TYR A 137 -13.08 -4.83 -29.12
CA TYR A 137 -12.59 -3.59 -29.71
C TYR A 137 -13.55 -3.05 -30.80
N LEU A 138 -13.99 -3.93 -31.68
CA LEU A 138 -14.85 -3.52 -32.83
C LEU A 138 -16.24 -3.07 -32.32
N GLU A 139 -16.75 -3.73 -31.29
CA GLU A 139 -18.04 -3.34 -30.70
C GLU A 139 -18.00 -1.91 -30.17
N LYS A 140 -16.96 -1.61 -29.41
CA LYS A 140 -16.73 -0.26 -28.90
C LYS A 140 -16.57 0.74 -30.03
N ALA A 141 -15.76 0.39 -31.03
CA ALA A 141 -15.43 1.30 -32.11
C ALA A 141 -16.66 1.54 -33.00
N ASN A 142 -17.48 0.52 -33.15
CA ASN A 142 -18.68 0.62 -34.01
C ASN A 142 -19.62 1.62 -33.31
N LYS A 143 -19.69 1.52 -31.99
CA LYS A 143 -20.50 2.45 -31.19
C LYS A 143 -19.90 3.86 -31.04
N ILE A 144 -18.58 4.01 -31.00
CA ILE A 144 -17.97 5.32 -30.73
C ILE A 144 -18.14 6.34 -31.85
N LYS A 145 -17.92 5.92 -33.10
CA LYS A 145 -18.14 6.78 -34.28
C LYS A 145 -17.83 8.26 -34.01
N GLU A 147 -15.16 9.75 -32.61
CA GLU A 147 -14.07 8.86 -32.98
C GLU A 147 -12.87 9.08 -32.09
N LYS A 148 -12.64 10.33 -31.71
CA LYS A 148 -11.40 10.73 -31.01
C LYS A 148 -11.19 10.07 -29.62
N THR A 149 -12.17 9.32 -29.15
CA THR A 149 -12.01 8.53 -27.91
C THR A 149 -11.07 7.33 -28.16
N HIS A 150 -10.07 7.18 -27.30
CA HIS A 150 -9.09 6.10 -27.41
C HIS A 150 -9.61 4.85 -26.77
N ILE A 151 -9.45 3.71 -27.40
CA ILE A 151 -9.99 2.47 -26.86
C ILE A 151 -8.84 1.58 -26.37
N HIS A 152 -9.01 0.99 -25.18
CA HIS A 152 -8.02 0.05 -24.63
C HIS A 152 -8.74 -1.14 -24.09
N ILE A 153 -8.55 -2.29 -24.75
CA ILE A 153 -9.19 -3.53 -24.32
C ILE A 153 -8.20 -4.48 -23.63
N PHE A 154 -8.63 -5.05 -22.50
CA PHE A 154 -7.90 -6.10 -21.80
C PHE A 154 -8.72 -7.41 -21.82
N SER A 155 -8.05 -8.54 -21.87
CA SER A 155 -8.74 -9.81 -21.75
C SER A 155 -8.33 -10.52 -20.44
N PHE A 156 -9.02 -11.60 -20.12
CA PHE A 156 -8.60 -12.47 -19.03
C PHE A 156 -7.53 -13.48 -19.42
N THR A 157 -7.07 -13.45 -20.68
CA THR A 157 -6.01 -14.33 -21.14
C THR A 157 -4.66 -13.62 -21.24
N GLY A 158 -4.58 -12.36 -20.84
CA GLY A 158 -3.34 -11.59 -20.96
C GLY A 158 -3.24 -10.68 -22.17
N GLU A 159 -4.14 -10.83 -23.14
CA GLU A 159 -4.07 -10.04 -24.35
C GLU A 159 -4.60 -8.60 -24.11
N GLU A 160 -4.02 -7.65 -24.82
CA GLU A 160 -4.62 -6.32 -24.88
C GLU A 160 -4.56 -5.80 -26.31
N MET A 161 -5.50 -4.91 -26.62
CA MET A 161 -5.55 -4.22 -27.89
C MET A 161 -5.94 -2.77 -27.65
N ALA A 162 -5.27 -1.85 -28.32
CA ALA A 162 -5.56 -0.45 -28.11
C ALA A 162 -5.45 0.31 -29.42
N THR A 163 -6.17 1.43 -29.53
CA THR A 163 -6.21 2.16 -30.77
C THR A 163 -4.80 2.60 -31.19
N LYS A 164 -4.47 2.32 -32.44
CA LYS A 164 -3.14 2.64 -33.03
C LYS A 164 -1.98 1.94 -32.32
N ALA A 165 -2.26 0.81 -31.68
CA ALA A 165 -1.27 0.09 -30.86
C ALA A 165 -0.63 1.02 -29.82
N ASP A 166 -1.40 1.98 -29.34
CA ASP A 166 -0.96 2.95 -28.33
C ASP A 166 -1.58 2.61 -26.97
N TYR A 167 -0.77 2.01 -26.10
CA TYR A 167 -1.28 1.42 -24.88
C TYR A 167 -1.33 2.38 -23.73
N THR A 168 -0.94 3.63 -23.97
CA THR A 168 -1.05 4.74 -23.02
C THR A 168 -0.12 4.61 -21.81
N LEU A 169 -0.30 3.55 -21.02
CA LEU A 169 0.44 3.37 -19.80
C LEU A 169 1.77 2.68 -20.04
N ASP A 170 2.63 2.74 -19.04
CA ASP A 170 3.90 2.03 -19.07
C ASP A 170 3.63 0.52 -19.00
N GLU A 171 4.65 -0.30 -19.31
CA GLU A 171 4.46 -1.75 -19.37
C GLU A 171 4.15 -2.37 -18.00
N GLU A 172 4.75 -1.84 -16.94
CA GLU A 172 4.53 -2.35 -15.59
C GLU A 172 3.07 -2.18 -15.14
N SER A 173 2.53 -1.00 -15.38
CA SER A 173 1.13 -0.70 -14.97
C SER A 173 0.15 -1.63 -15.70
N ARG A 174 0.41 -1.86 -16.97
CA ARG A 174 -0.37 -2.86 -17.71
C ARG A 174 -0.22 -4.27 -17.17
N ALA A 175 1.00 -4.66 -16.81
CA ALA A 175 1.26 -5.99 -16.26
C ALA A 175 0.49 -6.21 -14.94
N ARG A 176 0.41 -5.17 -14.12
CA ARG A 176 -0.39 -5.15 -12.88
C ARG A 176 -1.90 -5.46 -13.12
N ILE A 177 -2.45 -4.86 -14.16
CA ILE A 177 -3.88 -5.07 -14.52
C ILE A 177 -4.03 -6.49 -15.02
N LYS A 178 -3.11 -6.91 -15.89
CA LYS A 178 -3.14 -8.24 -16.42
C LYS A 178 -3.07 -9.28 -15.28
N THR A 179 -2.21 -9.02 -14.29
CA THR A 179 -2.05 -9.94 -13.16
C THR A 179 -3.35 -10.07 -12.35
N ARG A 180 -3.98 -8.93 -12.09
CA ARG A 180 -5.26 -8.94 -11.43
C ARG A 180 -6.30 -9.75 -12.18
N LEU A 181 -6.43 -9.52 -13.50
CA LEU A 181 -7.37 -10.29 -14.31
C LEU A 181 -7.09 -11.82 -14.29
N PHE A 182 -5.82 -12.20 -14.47
CA PHE A 182 -5.24 -13.58 -14.27
C PHE A 182 -5.70 -14.18 -12.94
N THR A 183 -5.55 -13.40 -11.87
CA THR A 183 -5.95 -13.86 -10.55
C THR A 183 -7.46 -14.07 -10.47
N ILE A 184 -8.26 -13.18 -11.03
CA ILE A 184 -9.72 -13.27 -10.94
C ILE A 184 -10.22 -14.53 -11.70
N ARG A 185 -9.65 -14.76 -12.87
CA ARG A 185 -9.99 -15.90 -13.67
C ARG A 185 -9.66 -17.20 -12.89
N GLN A 186 -8.48 -17.24 -12.32
CA GLN A 186 -8.04 -18.44 -11.60
C GLN A 186 -8.93 -18.77 -10.40
N GLU A 187 -9.31 -17.75 -9.64
CA GLU A 187 -10.22 -17.96 -8.51
C GLU A 187 -11.63 -18.37 -8.91
N MET A 188 -12.15 -17.78 -9.96
CA MET A 188 -13.46 -18.19 -10.47
C MET A 188 -13.43 -19.68 -10.84
N ALA A 189 -12.37 -20.08 -11.52
CA ALA A 189 -12.21 -21.45 -12.01
C ALA A 189 -12.15 -22.46 -10.85
N SER A 190 -11.50 -22.06 -9.76
CA SER A 190 -11.42 -22.86 -8.51
C SER A 190 -12.78 -23.06 -7.86
N ARG A 191 -13.67 -22.09 -8.01
CA ARG A 191 -15.02 -22.21 -7.47
C ARG A 191 -16.01 -22.70 -8.51
N SER A 192 -15.50 -23.16 -9.66
CA SER A 192 -16.32 -23.56 -10.82
C SER A 192 -17.29 -22.49 -11.30
N LEU A 193 -16.84 -21.24 -11.27
CA LEU A 193 -17.66 -20.11 -11.70
C LEU A 193 -17.23 -19.58 -13.06
N TRP A 194 -16.05 -19.97 -13.53
CA TRP A 194 -15.46 -19.40 -14.75
C TRP A 194 -16.24 -19.71 -16.02
N ASP A 195 -16.58 -20.97 -16.24
CA ASP A 195 -17.23 -21.39 -17.50
C ASP A 195 -18.52 -20.59 -17.75
N SER A 196 -19.37 -20.52 -16.73
CA SER A 196 -20.62 -19.72 -16.79
C SER A 196 -20.32 -18.24 -17.04
N PHE A 197 -19.43 -17.69 -16.23
CA PHE A 197 -19.02 -16.29 -16.34
C PHE A 197 -18.55 -15.96 -17.77
N ARG A 198 -17.61 -16.77 -18.27
CA ARG A 198 -17.05 -16.60 -19.61
C ARG A 198 -18.09 -16.62 -20.73
N GLN A 199 -19.05 -17.54 -20.66
CA GLN A 199 -20.06 -17.68 -21.71
C GLN A 199 -21.20 -16.66 -21.60
N SER A 200 -21.28 -15.94 -20.48
CA SER A 200 -22.33 -14.95 -20.35
C SER A 200 -22.05 -13.64 -21.06
N GLU A 201 -20.83 -13.41 -21.55
CA GLU A 201 -20.54 -12.11 -22.19
C GLU A 201 -21.21 -12.03 -23.56
N ARG A 202 -21.97 -10.96 -23.79
CA ARG A 202 -22.59 -10.72 -25.11
C ARG A 202 -22.66 -9.22 -25.41
N GLY A 203 -22.48 -8.82 -26.67
CA GLY A 203 -22.44 -7.39 -27.03
C GLY A 203 -23.74 -6.87 -27.62
N ALA B 6 36.05 -4.28 -13.69
CA ALA B 6 35.62 -5.54 -14.30
C ALA B 6 34.47 -6.07 -13.43
N MET B 7 33.34 -6.36 -14.06
CA MET B 7 32.23 -6.96 -13.32
C MET B 7 32.64 -8.32 -12.72
N GLU B 8 33.55 -9.00 -13.42
CA GLU B 8 34.09 -10.27 -12.92
C GLU B 8 34.75 -10.06 -11.57
N ASP B 9 35.62 -9.05 -11.46
CA ASP B 9 36.30 -8.75 -10.19
C ASP B 9 35.32 -8.32 -9.11
N PHE B 10 34.30 -7.55 -9.50
CA PHE B 10 33.26 -7.18 -8.57
C PHE B 10 32.59 -8.41 -7.93
N VAL B 11 32.18 -9.31 -8.78
CA VAL B 11 31.46 -10.53 -8.37
C VAL B 11 32.27 -11.32 -7.37
N ARG B 12 33.54 -11.51 -7.73
CA ARG B 12 34.48 -12.24 -6.92
C ARG B 12 34.78 -11.60 -5.57
N GLN B 13 34.56 -10.30 -5.44
CA GLN B 13 34.79 -9.62 -4.18
C GLN B 13 33.47 -9.30 -3.43
N CYS B 14 32.34 -9.31 -4.14
CA CYS B 14 31.04 -8.99 -3.51
C CYS B 14 30.36 -10.24 -2.88
N PHE B 15 30.59 -11.39 -3.50
CA PHE B 15 29.88 -12.61 -3.13
C PHE B 15 30.77 -13.60 -2.39
N ASN B 16 30.15 -14.33 -1.46
CA ASN B 16 30.75 -15.46 -0.77
C ASN B 16 31.43 -16.39 -1.80
N PRO B 17 32.65 -16.83 -1.53
CA PRO B 17 33.25 -17.71 -2.53
C PRO B 17 32.52 -19.03 -2.74
N MET B 18 31.77 -19.51 -1.75
CA MET B 18 30.92 -20.68 -2.02
C MET B 18 29.86 -20.38 -3.11
N ILE B 19 29.27 -19.20 -3.07
CA ILE B 19 28.26 -18.84 -4.06
C ILE B 19 28.94 -18.72 -5.42
N VAL B 20 30.12 -18.13 -5.45
CA VAL B 20 30.85 -17.96 -6.71
C VAL B 20 31.19 -19.30 -7.35
N GLU B 21 31.63 -20.26 -6.53
CA GLU B 21 31.97 -21.58 -7.06
C GLU B 21 30.69 -22.27 -7.63
N LEU B 22 29.60 -22.15 -6.91
CA LEU B 22 28.32 -22.72 -7.44
C LEU B 22 27.88 -22.01 -8.73
N ALA B 23 28.11 -20.71 -8.82
CA ALA B 23 27.69 -19.98 -10.04
C ALA B 23 28.55 -20.38 -11.24
N GLU B 24 29.87 -20.58 -11.02
CA GLU B 24 30.75 -21.04 -12.09
C GLU B 24 30.29 -22.38 -12.63
N LYS B 25 29.91 -23.28 -11.72
CA LYS B 25 29.53 -24.60 -12.16
C LYS B 25 28.21 -24.48 -12.95
N ALA B 26 27.31 -23.63 -12.47
CA ALA B 26 25.99 -23.43 -13.14
C ALA B 26 26.22 -22.95 -14.57
N MET B 27 27.00 -21.87 -14.71
CA MET B 27 27.27 -21.32 -16.03
C MET B 27 27.92 -22.32 -16.96
N LYS B 28 28.79 -23.16 -16.40
CA LYS B 28 29.42 -24.20 -17.18
C LYS B 28 28.42 -25.24 -17.64
N GLU B 29 27.49 -25.59 -16.78
CA GLU B 29 26.42 -26.53 -17.13
C GLU B 29 25.53 -25.91 -18.23
N TYR B 30 25.23 -24.61 -18.08
CA TYR B 30 24.44 -23.87 -19.08
C TYR B 30 25.21 -23.59 -20.38
N GLY B 31 26.52 -23.82 -20.38
CA GLY B 31 27.37 -23.67 -21.57
C GLY B 31 27.88 -22.26 -21.79
N GLU B 32 28.12 -21.54 -20.70
CA GLU B 32 28.42 -20.11 -20.74
C GLU B 32 29.61 -19.76 -19.86
N ASP B 33 30.42 -18.80 -20.30
CA ASP B 33 31.68 -18.47 -19.64
C ASP B 33 31.50 -17.27 -18.70
N PRO B 34 31.72 -17.46 -17.38
CA PRO B 34 31.67 -16.36 -16.41
C PRO B 34 32.54 -15.14 -16.79
N LYS B 35 33.69 -15.39 -17.43
CA LYS B 35 34.60 -14.30 -17.85
C LYS B 35 34.15 -13.51 -19.08
N ILE B 36 33.21 -14.06 -19.85
CA ILE B 36 32.64 -13.37 -20.99
C ILE B 36 31.28 -12.75 -20.62
N GLU B 37 30.39 -13.59 -20.10
CA GLU B 37 29.05 -13.17 -19.75
C GLU B 37 29.00 -12.76 -18.31
N THR B 38 29.57 -11.60 -18.03
CA THR B 38 29.85 -11.20 -16.66
C THR B 38 28.61 -10.68 -15.92
N ASN B 39 27.69 -10.04 -16.63
CA ASN B 39 26.44 -9.62 -16.04
C ASN B 39 25.61 -10.84 -15.61
N LYS B 40 25.50 -11.82 -16.50
CA LYS B 40 24.84 -13.07 -16.15
C LYS B 40 25.48 -13.71 -14.89
N PHE B 41 26.81 -13.70 -14.85
CA PHE B 41 27.57 -14.23 -13.70
C PHE B 41 27.09 -13.52 -12.43
N ALA B 42 26.99 -12.21 -12.47
CA ALA B 42 26.47 -11.44 -11.37
C ALA B 42 25.02 -11.81 -11.02
N ALA B 43 24.18 -11.98 -12.04
CA ALA B 43 22.76 -12.32 -11.86
C ALA B 43 22.62 -13.67 -11.17
N ILE B 44 23.38 -14.65 -11.68
CA ILE B 44 23.36 -16.00 -11.14
C ILE B 44 23.83 -16.02 -9.69
N CYS B 45 24.94 -15.33 -9.39
CA CYS B 45 25.38 -15.24 -7.98
C CYS B 45 24.30 -14.58 -7.12
N THR B 46 23.64 -13.54 -7.64
CA THR B 46 22.63 -12.86 -6.85
C THR B 46 21.46 -13.80 -6.50
N HIS B 47 21.06 -14.59 -7.48
CA HIS B 47 19.91 -15.48 -7.37
C HIS B 47 20.21 -16.61 -6.43
N LEU B 48 21.41 -17.20 -6.58
CA LEU B 48 21.84 -18.21 -5.61
C LEU B 48 21.83 -17.65 -4.20
N GLU B 49 22.42 -16.47 -4.01
CA GLU B 49 22.50 -15.85 -2.68
C GLU B 49 21.09 -15.66 -2.09
N VAL B 50 20.19 -15.12 -2.90
CA VAL B 50 18.79 -14.92 -2.45
C VAL B 50 18.17 -16.25 -2.05
N CYS B 51 18.36 -17.27 -2.88
CA CYS B 51 17.90 -18.62 -2.50
C CYS B 51 18.42 -19.14 -1.17
N PHE B 52 19.71 -18.94 -0.86
CA PHE B 52 20.25 -19.41 0.40
C PHE B 52 19.82 -18.52 1.55
N MET B 53 19.74 -17.24 1.28
CA MET B 53 19.27 -16.33 2.27
C MET B 53 17.84 -16.71 2.69
N TYR B 54 17.06 -17.12 1.70
CA TYR B 54 15.63 -17.44 1.92
C TYR B 54 15.50 -18.52 2.99
N SER B 55 16.42 -19.50 2.93
CA SER B 55 16.44 -20.65 3.82
C SER B 55 17.16 -20.38 5.14
N ASP B 56 18.20 -19.52 5.15
CA ASP B 56 18.91 -19.14 6.39
C ASP B 56 18.00 -18.94 7.61
N PHE B 57 18.39 -19.48 8.77
CA PHE B 57 17.72 -19.23 10.06
C PHE B 57 16.31 -19.78 10.17
N HIS B 58 15.86 -20.48 9.13
CA HIS B 58 14.52 -21.05 9.10
C HIS B 58 14.54 -22.54 9.26
N PHE B 59 13.92 -23.03 10.33
CA PHE B 59 13.91 -24.45 10.64
C PHE B 59 12.51 -24.93 10.93
N ILE B 60 12.38 -26.22 11.17
CA ILE B 60 11.08 -26.84 11.38
C ILE B 60 11.18 -27.70 12.63
N ASP B 61 10.22 -27.55 13.55
CA ASP B 61 10.27 -28.29 14.79
C ASP B 61 9.65 -29.68 14.57
N GLU B 62 9.53 -30.46 15.64
CA GLU B 62 9.01 -31.82 15.56
C GLU B 62 7.59 -31.92 14.98
N ARG B 63 6.72 -30.99 15.36
CA ARG B 63 5.35 -30.96 14.83
C ARG B 63 5.26 -30.42 13.41
N GLY B 64 6.39 -29.98 12.85
CA GLY B 64 6.37 -29.34 11.53
C GLY B 64 6.07 -27.84 11.59
N GLU B 65 6.18 -27.22 12.76
CA GLU B 65 5.98 -25.77 12.87
C GLU B 65 7.27 -24.99 12.64
N SER B 66 7.10 -23.71 12.31
CA SER B 66 8.21 -22.81 12.01
C SER B 66 9.07 -22.47 13.21
N ILE B 67 10.39 -22.48 13.02
CA ILE B 67 11.33 -21.94 14.01
C ILE B 67 12.26 -20.97 13.30
N ILE B 68 12.59 -19.87 13.95
CA ILE B 68 13.60 -18.94 13.45
C ILE B 68 14.71 -18.72 14.47
N VAL B 69 15.91 -19.20 14.16
CA VAL B 69 17.07 -19.11 15.05
C VAL B 69 18.19 -18.31 14.39
N GLU B 70 18.55 -17.17 14.99
CA GLU B 70 19.66 -16.34 14.51
C GLU B 70 20.94 -16.71 15.27
N SER B 71 20.92 -16.50 16.58
CA SER B 71 22.11 -16.63 17.44
C SER B 71 23.24 -15.70 17.00
N LEU B 77 21.82 -27.56 15.15
CA LEU B 77 21.25 -28.78 14.55
C LEU B 77 19.72 -28.83 14.71
N LEU B 78 19.04 -28.18 13.76
CA LEU B 78 17.60 -28.25 13.63
C LEU B 78 17.26 -28.67 12.20
N LYS B 79 16.15 -29.39 12.02
CA LYS B 79 15.74 -29.81 10.69
C LYS B 79 15.42 -28.59 9.86
N HIS B 80 16.00 -28.54 8.65
CA HIS B 80 15.87 -27.39 7.74
C HIS B 80 14.43 -27.29 7.27
N ARG B 81 13.90 -26.07 7.23
CA ARG B 81 12.53 -25.87 6.71
C ARG B 81 12.45 -26.00 5.18
N PHE B 82 13.49 -25.54 4.51
CA PHE B 82 13.53 -25.51 3.05
C PHE B 82 14.59 -26.44 2.49
N GLU B 83 14.25 -27.14 1.40
CA GLU B 83 15.21 -27.89 0.60
C GLU B 83 15.64 -26.95 -0.48
N ILE B 84 16.93 -26.80 -0.69
CA ILE B 84 17.43 -25.91 -1.74
C ILE B 84 17.73 -26.78 -2.97
N ILE B 85 16.97 -26.53 -4.01
CA ILE B 85 17.07 -27.27 -5.26
C ILE B 85 18.03 -26.51 -6.20
N GLU B 86 17.98 -25.17 -6.15
CA GLU B 86 18.85 -24.33 -7.00
C GLU B 86 20.27 -24.60 -6.58
N GLY B 87 21.19 -24.58 -7.54
CA GLY B 87 22.62 -24.83 -7.29
C GLY B 87 23.03 -26.28 -7.51
N ARG B 88 22.09 -27.23 -7.32
CA ARG B 88 22.34 -28.58 -7.72
C ARG B 88 22.37 -28.73 -9.25
N ASP B 89 23.13 -29.70 -9.74
CA ASP B 89 23.06 -29.97 -11.20
C ASP B 89 21.71 -30.57 -11.58
N ARG B 90 21.38 -30.55 -12.87
CA ARG B 90 20.03 -30.90 -13.30
C ARG B 90 19.61 -32.29 -12.85
N ILE B 91 20.49 -33.27 -13.02
CA ILE B 91 20.17 -34.64 -12.59
C ILE B 91 19.96 -34.72 -11.09
N MET B 92 20.84 -34.08 -10.32
CA MET B 92 20.64 -34.14 -8.86
C MET B 92 19.40 -33.35 -8.43
N ALA B 93 19.11 -32.25 -9.10
CA ALA B 93 17.94 -31.44 -8.75
C ALA B 93 16.64 -32.25 -8.94
N TRP B 94 16.54 -32.94 -10.08
CA TRP B 94 15.39 -33.81 -10.32
C TRP B 94 15.30 -34.96 -9.37
N THR B 95 16.45 -35.51 -8.97
CA THR B 95 16.47 -36.63 -8.01
C THR B 95 15.86 -36.17 -6.70
N VAL B 96 16.18 -34.94 -6.29
CA VAL B 96 15.64 -34.42 -5.03
C VAL B 96 14.12 -34.10 -5.15
N VAL B 97 13.73 -33.46 -6.26
CA VAL B 97 12.32 -33.14 -6.53
C VAL B 97 11.48 -34.41 -6.55
N ASN B 98 11.97 -35.45 -7.21
CA ASN B 98 11.28 -36.73 -7.23
C ASN B 98 11.05 -37.35 -5.85
N SER B 99 12.07 -37.39 -4.99
CA SER B 99 11.88 -37.97 -3.66
C SER B 99 10.89 -37.18 -2.82
N ILE B 100 10.95 -35.85 -2.89
CA ILE B 100 9.96 -35.04 -2.18
C ILE B 100 8.56 -35.45 -2.61
N CYS B 101 8.30 -35.40 -3.91
CA CYS B 101 7.02 -35.82 -4.50
C CYS B 101 6.59 -37.24 -4.10
N ASN B 102 7.51 -38.19 -4.19
CA ASN B 102 7.25 -39.57 -3.74
C ASN B 102 6.93 -39.65 -2.25
N THR B 103 7.59 -38.82 -1.44
CA THR B 103 7.39 -38.86 0.01
C THR B 103 6.13 -38.11 0.42
N THR B 104 6.08 -36.81 0.12
CA THR B 104 4.95 -35.98 0.52
C THR B 104 3.68 -36.15 -0.35
N GLY B 105 3.84 -36.67 -1.57
CA GLY B 105 2.69 -36.79 -2.48
C GLY B 105 2.28 -35.50 -3.17
N VAL B 106 3.05 -34.42 -2.96
CA VAL B 106 2.85 -33.17 -3.70
C VAL B 106 3.08 -33.44 -5.20
N GLU B 107 2.37 -32.72 -6.06
CA GLU B 107 2.50 -32.91 -7.52
C GLU B 107 3.91 -32.50 -7.99
N LYS B 108 4.37 -33.15 -9.06
CA LYS B 108 5.72 -33.02 -9.62
C LYS B 108 5.78 -31.86 -10.64
N PRO B 109 6.58 -30.80 -10.38
CA PRO B 109 6.57 -29.64 -11.26
C PRO B 109 7.11 -29.98 -12.64
N LYS B 110 6.64 -29.27 -13.66
CA LYS B 110 7.09 -29.52 -15.03
C LYS B 110 8.47 -28.89 -15.28
N PHE B 111 8.78 -27.81 -14.57
CA PHE B 111 10.10 -27.18 -14.61
C PHE B 111 10.73 -27.17 -13.23
N LEU B 112 12.05 -27.13 -13.20
CA LEU B 112 12.78 -27.21 -11.95
C LEU B 112 12.53 -25.96 -11.12
N PRO B 113 12.07 -26.14 -9.88
CA PRO B 113 11.93 -25.00 -9.01
C PRO B 113 13.22 -24.71 -8.26
N ASP B 114 13.20 -23.74 -7.36
CA ASP B 114 14.42 -23.31 -6.64
C ASP B 114 14.46 -23.89 -5.22
N LEU B 115 13.29 -24.02 -4.56
CA LEU B 115 13.20 -24.48 -3.17
C LEU B 115 11.96 -25.37 -2.98
N TYR B 116 12.01 -26.26 -1.98
CA TYR B 116 10.81 -26.86 -1.39
C TYR B 116 10.62 -26.46 0.07
N ASP B 117 9.39 -26.06 0.41
CA ASP B 117 9.00 -25.64 1.74
C ASP B 117 8.41 -26.84 2.49
N TYR B 118 9.16 -27.39 3.45
CA TYR B 118 8.66 -28.55 4.20
C TYR B 118 7.50 -28.22 5.15
N LYS B 119 7.32 -26.94 5.50
CA LYS B 119 6.22 -26.54 6.39
C LYS B 119 4.93 -26.45 5.59
N GLU B 120 4.98 -25.72 4.47
CA GLU B 120 3.81 -25.49 3.63
C GLU B 120 3.61 -26.60 2.60
N ASN B 121 4.59 -27.50 2.48
CA ASN B 121 4.57 -28.54 1.46
C ASN B 121 4.25 -27.99 0.07
N ARG B 122 5.11 -27.09 -0.42
CA ARG B 122 5.02 -26.64 -1.81
C ARG B 122 6.41 -26.23 -2.33
N PHE B 123 6.62 -26.41 -3.62
CA PHE B 123 7.80 -25.86 -4.29
C PHE B 123 7.67 -24.36 -4.48
N ILE B 124 8.84 -23.69 -4.59
CA ILE B 124 8.92 -22.25 -4.73
C ILE B 124 9.88 -21.91 -5.88
N GLU B 125 9.41 -21.01 -6.75
CA GLU B 125 10.23 -20.40 -7.80
C GLU B 125 10.62 -19.01 -7.30
N ILE B 126 11.91 -18.76 -7.16
CA ILE B 126 12.39 -17.44 -6.75
C ILE B 126 12.83 -16.64 -7.96
N GLY B 127 12.36 -15.41 -8.03
CA GLY B 127 12.73 -14.52 -9.09
C GLY B 127 13.45 -13.32 -8.54
N VAL B 128 14.53 -12.92 -9.20
CA VAL B 128 15.21 -11.69 -8.86
C VAL B 128 15.37 -10.88 -10.15
N THR B 129 14.91 -9.63 -10.13
CA THR B 129 14.81 -8.87 -11.38
C THR B 129 15.33 -7.47 -11.23
N ARG B 130 16.01 -7.01 -12.28
CA ARG B 130 16.45 -5.61 -12.40
C ARG B 130 15.41 -4.82 -13.17
N ARG B 131 14.36 -5.51 -13.62
CA ARG B 131 13.20 -4.90 -14.27
C ARG B 131 12.13 -4.59 -13.21
N GLU B 132 10.88 -4.49 -13.63
CA GLU B 132 9.79 -4.22 -12.70
C GLU B 132 9.18 -5.57 -12.36
N VAL B 133 8.74 -5.74 -11.12
CA VAL B 133 8.33 -7.05 -10.66
C VAL B 133 7.17 -7.69 -11.45
N HIS B 134 6.13 -6.92 -11.76
CA HIS B 134 4.90 -7.53 -12.33
C HIS B 134 5.01 -8.06 -13.72
N ILE B 135 5.84 -7.35 -14.52
CA ILE B 135 6.29 -7.85 -15.83
C ILE B 135 6.98 -9.21 -15.64
N TYR B 136 7.86 -9.29 -14.65
CA TYR B 136 8.68 -10.49 -14.45
C TYR B 136 7.83 -11.60 -13.89
N TYR B 137 7.00 -11.27 -12.90
CA TYR B 137 6.06 -12.23 -12.33
C TYR B 137 5.21 -12.84 -13.43
N LEU B 138 4.62 -11.98 -14.26
CA LEU B 138 3.76 -12.44 -15.35
C LEU B 138 4.49 -13.39 -16.30
N GLU B 139 5.74 -13.08 -16.63
CA GLU B 139 6.55 -14.01 -17.42
C GLU B 139 6.75 -15.33 -16.67
N LYS B 140 7.05 -15.24 -15.39
CA LYS B 140 7.20 -16.45 -14.56
C LYS B 140 5.88 -17.22 -14.48
N ALA B 141 4.79 -16.51 -14.19
CA ALA B 141 3.51 -17.16 -13.90
C ALA B 141 2.96 -17.87 -15.12
N ASN B 142 3.28 -17.36 -16.31
CA ASN B 142 2.79 -17.93 -17.58
C ASN B 142 3.64 -19.09 -18.09
N LYS B 143 4.78 -19.35 -17.45
CA LYS B 143 5.53 -20.60 -17.66
C LYS B 143 5.08 -21.71 -16.70
N ILE B 144 4.03 -21.46 -15.92
CA ILE B 144 3.62 -22.35 -14.81
C ILE B 144 2.11 -22.45 -14.70
N GLU B 147 1.55 -24.84 -12.38
CA GLU B 147 0.57 -24.05 -11.65
C GLU B 147 0.68 -24.17 -10.11
N LYS B 148 1.16 -25.30 -9.60
CA LYS B 148 1.21 -25.52 -8.15
C LYS B 148 2.49 -25.00 -7.47
N THR B 149 3.44 -24.53 -8.25
CA THR B 149 4.67 -23.95 -7.71
C THR B 149 4.34 -22.53 -7.26
N HIS B 150 4.72 -22.19 -6.04
CA HIS B 150 4.54 -20.84 -5.52
C HIS B 150 5.64 -19.95 -6.07
N ILE B 151 5.31 -18.76 -6.56
CA ILE B 151 6.30 -17.85 -7.13
C ILE B 151 6.55 -16.72 -6.16
N HIS B 152 7.82 -16.36 -5.96
CA HIS B 152 8.18 -15.22 -5.14
C HIS B 152 9.25 -14.41 -5.84
N ILE B 153 8.94 -13.15 -6.15
CA ILE B 153 9.80 -12.23 -6.90
C ILE B 153 10.34 -11.12 -6.00
N PHE B 154 11.63 -10.83 -6.14
CA PHE B 154 12.28 -9.68 -5.49
C PHE B 154 12.87 -8.82 -6.56
N SER B 155 13.02 -7.54 -6.26
CA SER B 155 13.76 -6.64 -7.13
C SER B 155 14.75 -5.83 -6.32
N PHE B 156 15.71 -5.26 -7.03
CA PHE B 156 16.71 -4.40 -6.45
C PHE B 156 16.18 -3.05 -5.98
N THR B 157 14.95 -2.72 -6.36
CA THR B 157 14.32 -1.46 -5.94
C THR B 157 13.53 -1.61 -4.62
N GLY B 158 13.49 -2.83 -4.10
CA GLY B 158 12.88 -3.08 -2.79
C GLY B 158 11.51 -3.70 -2.89
N GLU B 159 10.98 -3.81 -4.09
CA GLU B 159 9.62 -4.35 -4.25
C GLU B 159 9.66 -5.86 -4.41
N GLU B 160 8.58 -6.49 -4.00
CA GLU B 160 8.41 -7.92 -4.12
C GLU B 160 6.98 -8.28 -4.48
N MET B 161 6.80 -9.54 -4.86
CA MET B 161 5.49 -10.06 -5.18
C MET B 161 5.50 -11.59 -5.08
N ALA B 162 4.39 -12.16 -4.66
CA ALA B 162 4.28 -13.58 -4.43
C ALA B 162 2.93 -14.17 -4.86
N THR B 163 2.95 -15.42 -5.35
CA THR B 163 1.72 -16.16 -5.65
C THR B 163 0.72 -15.99 -4.52
N LYS B 164 -0.47 -15.47 -4.85
CA LYS B 164 -1.58 -15.26 -3.91
C LYS B 164 -1.26 -14.32 -2.73
N ALA B 165 -0.33 -13.39 -2.94
CA ALA B 165 0.12 -12.44 -1.89
C ALA B 165 0.67 -13.16 -0.64
N ASP B 166 1.05 -14.43 -0.78
CA ASP B 166 1.57 -15.22 0.33
C ASP B 166 3.09 -15.27 0.24
N TYR B 167 3.74 -14.53 1.15
CA TYR B 167 5.17 -14.24 1.06
C TYR B 167 6.04 -15.25 1.81
N THR B 168 5.39 -16.26 2.41
CA THR B 168 6.08 -17.37 3.09
C THR B 168 6.80 -16.89 4.36
N LEU B 169 7.84 -16.06 4.20
CA LEU B 169 8.69 -15.63 5.30
C LEU B 169 8.12 -14.45 6.05
N ASP B 170 8.58 -14.31 7.29
CA ASP B 170 8.39 -13.11 8.12
C ASP B 170 8.93 -11.82 7.46
N GLU B 171 8.38 -10.68 7.86
CA GLU B 171 8.81 -9.38 7.35
C GLU B 171 10.32 -9.13 7.56
N GLU B 172 10.86 -9.57 8.70
CA GLU B 172 12.26 -9.29 9.05
C GLU B 172 13.23 -10.00 8.11
N SER B 173 12.96 -11.27 7.81
CA SER B 173 13.77 -12.03 6.83
C SER B 173 13.73 -11.39 5.45
N ARG B 174 12.56 -10.92 5.05
CA ARG B 174 12.43 -10.27 3.75
C ARG B 174 13.18 -8.92 3.71
N ALA B 175 13.16 -8.14 4.80
CA ALA B 175 13.95 -6.90 4.88
C ALA B 175 15.47 -7.22 4.75
N ARG B 176 15.88 -8.29 5.40
CA ARG B 176 17.23 -8.75 5.32
C ARG B 176 17.62 -9.05 3.86
N ILE B 177 16.79 -9.80 3.15
CA ILE B 177 17.02 -10.07 1.73
C ILE B 177 16.99 -8.79 0.87
N LYS B 178 15.95 -7.99 1.01
CA LYS B 178 15.84 -6.72 0.27
C LYS B 178 17.04 -5.82 0.51
N THR B 179 17.49 -5.77 1.75
CA THR B 179 18.60 -4.90 2.15
C THR B 179 19.88 -5.38 1.51
N ARG B 180 20.04 -6.69 1.41
CA ARG B 180 21.16 -7.26 0.67
C ARG B 180 21.17 -6.82 -0.82
N LEU B 181 20.00 -6.86 -1.45
CA LEU B 181 19.89 -6.39 -2.82
C LEU B 181 20.15 -4.87 -2.91
N PHE B 182 19.62 -4.08 -1.95
CA PHE B 182 19.95 -2.65 -1.93
C PHE B 182 21.47 -2.46 -1.90
N THR B 183 22.16 -3.29 -1.11
CA THR B 183 23.60 -3.18 -0.90
C THR B 183 24.40 -3.59 -2.14
N ILE B 184 23.97 -4.66 -2.82
CA ILE B 184 24.61 -5.05 -4.09
C ILE B 184 24.46 -3.93 -5.10
N ARG B 185 23.26 -3.38 -5.21
CA ARG B 185 23.02 -2.29 -6.18
C ARG B 185 23.90 -1.07 -5.89
N GLN B 186 23.98 -0.70 -4.60
CA GLN B 186 24.76 0.47 -4.17
C GLN B 186 26.24 0.28 -4.54
N GLU B 187 26.77 -0.89 -4.20
CA GLU B 187 28.17 -1.20 -4.49
C GLU B 187 28.44 -1.22 -6.01
N MET B 188 27.52 -1.81 -6.79
CA MET B 188 27.66 -1.79 -8.24
C MET B 188 27.63 -0.36 -8.79
N ALA B 189 26.71 0.45 -8.29
CA ALA B 189 26.56 1.84 -8.76
C ALA B 189 27.81 2.69 -8.44
N SER B 190 28.31 2.53 -7.21
CA SER B 190 29.65 3.04 -6.83
C SER B 190 30.72 2.83 -7.92
N ARG B 191 30.70 1.62 -8.49
CA ARG B 191 31.74 1.18 -9.44
C ARG B 191 31.34 1.33 -10.92
N SER B 192 30.25 2.05 -11.19
CA SER B 192 29.75 2.29 -12.55
C SER B 192 29.40 0.99 -13.28
N LEU B 193 28.98 -0.02 -12.52
CA LEU B 193 28.60 -1.30 -13.09
C LEU B 193 27.08 -1.47 -13.11
N TRP B 194 26.36 -0.65 -12.35
CA TRP B 194 24.91 -0.81 -12.22
C TRP B 194 24.16 -0.65 -13.52
N ASP B 195 24.38 0.45 -14.21
CA ASP B 195 23.67 0.76 -15.47
C ASP B 195 23.78 -0.41 -16.49
N SER B 196 24.98 -0.99 -16.63
CA SER B 196 25.18 -2.06 -17.60
C SER B 196 24.43 -3.31 -17.18
N PHE B 197 24.58 -3.68 -15.91
CA PHE B 197 23.94 -4.84 -15.33
C PHE B 197 22.41 -4.75 -15.42
N ARG B 198 21.87 -3.59 -15.03
CA ARG B 198 20.43 -3.38 -15.15
C ARG B 198 19.98 -3.51 -16.62
N GLN B 199 20.69 -2.86 -17.54
CA GLN B 199 20.40 -2.93 -18.98
C GLN B 199 20.34 -4.36 -19.55
N SER B 200 21.28 -5.20 -19.13
CA SER B 200 21.51 -6.50 -19.76
C SER B 200 20.38 -7.55 -19.63
N GLU B 201 19.47 -7.41 -18.67
CA GLU B 201 18.46 -8.45 -18.40
C GLU B 201 17.54 -8.75 -19.59
N ARG B 202 17.33 -10.05 -19.84
CA ARG B 202 16.29 -10.53 -20.77
C ARG B 202 15.49 -11.66 -20.12
N GLY C 4 28.27 -8.83 17.77
CA GLY C 4 28.39 -8.53 19.23
C GLY C 4 28.89 -7.13 19.54
N MET C 5 27.96 -6.18 19.70
CA MET C 5 28.30 -4.77 19.95
C MET C 5 27.41 -4.12 20.98
N ALA C 6 28.02 -3.40 21.93
CA ALA C 6 27.27 -2.54 22.85
C ALA C 6 26.69 -1.39 22.03
N MET C 7 25.51 -0.92 22.43
CA MET C 7 24.79 0.09 21.65
C MET C 7 25.61 1.39 21.48
N GLU C 8 26.37 1.77 22.51
CA GLU C 8 27.18 2.98 22.42
C GLU C 8 28.24 2.79 21.34
N ASP C 9 28.90 1.62 21.35
CA ASP C 9 29.97 1.35 20.40
C ASP C 9 29.37 1.27 19.01
N PHE C 10 28.15 0.74 18.92
CA PHE C 10 27.48 0.61 17.65
C PHE C 10 27.20 2.00 17.05
N VAL C 11 26.65 2.90 17.86
CA VAL C 11 26.30 4.26 17.40
C VAL C 11 27.56 4.98 16.86
N ARG C 12 28.69 4.83 17.56
CA ARG C 12 29.94 5.50 17.17
C ARG C 12 30.58 4.91 15.92
N GLN C 13 30.28 3.64 15.60
CA GLN C 13 30.65 3.08 14.29
C GLN C 13 29.61 3.29 13.19
N CYS C 14 28.34 3.31 13.57
CA CYS C 14 27.27 3.35 12.58
C CYS C 14 27.09 4.73 11.95
N PHE C 15 27.19 5.77 12.78
CA PHE C 15 26.91 7.16 12.39
C PHE C 15 28.15 8.03 12.21
N ASN C 16 28.10 8.93 11.24
CA ASN C 16 29.18 9.85 10.98
C ASN C 16 29.58 10.56 12.30
N PRO C 17 30.88 10.73 12.53
CA PRO C 17 31.27 11.44 13.76
C PRO C 17 30.68 12.86 13.91
N MET C 18 30.42 13.56 12.82
CA MET C 18 29.75 14.87 12.97
C MET C 18 28.39 14.75 13.66
N ILE C 19 27.64 13.73 13.26
CA ILE C 19 26.30 13.47 13.80
C ILE C 19 26.44 13.11 15.24
N VAL C 20 27.41 12.26 15.55
CA VAL C 20 27.62 11.82 16.94
C VAL C 20 27.92 13.02 17.86
N GLU C 21 28.83 13.89 17.41
CA GLU C 21 29.12 15.10 18.18
C GLU C 21 27.87 15.98 18.40
N LEU C 22 27.06 16.16 17.37
CA LEU C 22 25.84 16.97 17.54
C LEU C 22 24.88 16.26 18.51
N ALA C 23 24.80 14.94 18.41
CA ALA C 23 23.92 14.18 19.32
C ALA C 23 24.38 14.28 20.76
N GLU C 24 25.70 14.27 20.98
CA GLU C 24 26.22 14.41 22.35
C GLU C 24 25.76 15.73 22.99
N LYS C 25 25.84 16.80 22.21
CA LYS C 25 25.55 18.14 22.72
C LYS C 25 24.04 18.26 22.99
N ALA C 26 23.25 17.62 22.16
CA ALA C 26 21.79 17.68 22.32
C ALA C 26 21.44 16.99 23.62
N MET C 27 21.98 15.78 23.82
CA MET C 27 21.68 15.02 25.05
C MET C 27 22.15 15.77 26.27
N LYS C 28 23.31 16.42 26.18
CA LYS C 28 23.77 17.24 27.31
C LYS C 28 22.80 18.38 27.56
N GLU C 29 22.39 19.08 26.51
CA GLU C 29 21.41 20.16 26.62
C GLU C 29 20.11 19.64 27.28
N TYR C 30 19.67 18.44 26.91
CA TYR C 30 18.48 17.83 27.52
C TYR C 30 18.75 17.15 28.87
N GLY C 31 19.99 17.17 29.34
CA GLY C 31 20.33 16.58 30.64
C GLY C 31 20.31 15.06 30.63
N GLU C 32 20.79 14.44 29.57
CA GLU C 32 20.86 12.99 29.50
C GLU C 32 22.25 12.52 29.04
N ASP C 33 22.65 11.33 29.49
CA ASP C 33 23.97 10.79 29.20
C ASP C 33 23.95 9.76 28.07
N PRO C 34 24.69 10.06 26.99
CA PRO C 34 24.87 9.11 25.88
C PRO C 34 25.33 7.70 26.32
N LYS C 35 26.17 7.63 27.34
CA LYS C 35 26.70 6.34 27.80
C LYS C 35 25.70 5.54 28.65
N ILE C 36 24.66 6.21 29.16
CA ILE C 36 23.62 5.57 29.99
C ILE C 36 22.35 5.32 29.16
N GLU C 37 21.86 6.36 28.47
CA GLU C 37 20.64 6.27 27.65
C GLU C 37 21.02 5.97 26.20
N THR C 38 21.64 4.82 25.97
CA THR C 38 22.23 4.52 24.66
C THR C 38 21.19 4.40 23.56
N ASN C 39 20.01 3.87 23.88
CA ASN C 39 18.90 3.85 22.92
C ASN C 39 18.48 5.24 22.43
N LYS C 40 18.32 6.15 23.38
CA LYS C 40 18.04 7.51 23.05
C LYS C 40 19.19 8.15 22.23
N PHE C 41 20.44 7.78 22.53
CA PHE C 41 21.59 8.29 21.79
C PHE C 41 21.42 7.87 20.35
N ALA C 42 21.08 6.60 20.17
CA ALA C 42 20.90 6.05 18.85
C ALA C 42 19.73 6.73 18.13
N ALA C 43 18.66 7.04 18.87
CA ALA C 43 17.45 7.71 18.32
C ALA C 43 17.71 9.15 17.89
N ILE C 44 18.45 9.89 18.72
CA ILE C 44 18.84 11.26 18.40
C ILE C 44 19.75 11.26 17.20
N CYS C 45 20.72 10.33 17.13
CA CYS C 45 21.60 10.23 15.95
C CYS C 45 20.81 9.94 14.69
N THR C 46 19.87 8.98 14.78
CA THR C 46 19.06 8.60 13.64
C THR C 46 18.25 9.79 13.14
N HIS C 47 17.60 10.49 14.06
CA HIS C 47 16.80 11.65 13.74
C HIS C 47 17.62 12.74 13.13
N LEU C 48 18.84 13.00 13.66
CA LEU C 48 19.66 14.04 13.09
C LEU C 48 20.02 13.66 11.70
N GLU C 49 20.40 12.39 11.51
CA GLU C 49 20.83 11.95 10.20
C GLU C 49 19.71 12.12 9.18
N VAL C 50 18.50 11.73 9.58
CA VAL C 50 17.37 11.87 8.68
C VAL C 50 17.13 13.36 8.32
N CYS C 51 17.23 14.25 9.30
CA CYS C 51 17.08 15.70 9.03
C CYS C 51 18.14 16.16 8.02
N PHE C 52 19.40 15.77 8.22
CA PHE C 52 20.41 16.17 7.23
C PHE C 52 20.24 15.50 5.87
N MET C 53 19.88 14.21 5.86
CA MET C 53 19.62 13.52 4.59
C MET C 53 18.48 14.15 3.81
N TYR C 54 17.48 14.62 4.53
CA TYR C 54 16.30 15.26 3.91
C TYR C 54 16.73 16.51 3.17
N SER C 55 17.69 17.24 3.75
CA SER C 55 18.22 18.45 3.12
C SER C 55 19.24 18.21 1.99
N ASP C 56 20.01 17.12 2.07
CA ASP C 56 21.06 16.81 1.12
C ASP C 56 20.59 16.88 -0.31
N PHE C 57 21.42 17.51 -1.14
CA PHE C 57 21.24 17.50 -2.58
C PHE C 57 20.14 18.44 -3.05
N HIS C 58 19.45 19.11 -2.12
CA HIS C 58 18.29 19.94 -2.48
C HIS C 58 18.61 21.41 -2.44
N PHE C 59 18.51 22.07 -3.60
CA PHE C 59 18.85 23.47 -3.71
C PHE C 59 17.74 24.33 -4.34
N ILE C 60 17.94 25.64 -4.28
CA ILE C 60 17.01 26.60 -4.85
C ILE C 60 17.80 27.40 -5.83
N ASP C 61 17.26 27.55 -7.04
CA ASP C 61 17.94 28.30 -8.09
C ASP C 61 17.74 29.80 -7.91
N GLU C 62 18.42 30.57 -8.75
CA GLU C 62 18.44 32.03 -8.64
C GLU C 62 17.11 32.69 -9.08
N ARG C 63 16.01 31.93 -9.08
CA ARG C 63 14.67 32.47 -9.40
C ARG C 63 13.51 31.76 -8.66
N GLY C 64 13.81 30.98 -7.62
CA GLY C 64 12.80 30.21 -6.91
C GLY C 64 12.26 29.05 -7.73
N GLU C 65 12.85 27.87 -7.51
CA GLU C 65 12.50 26.59 -8.17
C GLU C 65 13.56 25.57 -7.71
N SER C 66 13.13 24.35 -7.43
CA SER C 66 14.01 23.39 -6.78
C SER C 66 14.92 22.67 -7.75
N ILE C 67 16.10 22.33 -7.24
CA ILE C 67 17.15 21.66 -7.99
C ILE C 67 17.69 20.50 -7.15
N ILE C 68 17.98 19.38 -7.81
CA ILE C 68 18.63 18.21 -7.18
C ILE C 68 20.04 17.95 -7.74
N VAL C 69 21.07 18.09 -6.90
CA VAL C 69 22.46 17.88 -7.32
C VAL C 69 23.26 17.11 -6.26
N GLU C 70 24.16 16.22 -6.71
CA GLU C 70 24.95 15.37 -5.81
C GLU C 70 26.45 15.66 -5.91
N LEU C 77 28.44 25.47 -5.87
CA LEU C 77 27.95 26.51 -4.95
C LEU C 77 26.61 27.17 -5.37
N LEU C 78 25.52 26.79 -4.70
CA LEU C 78 24.23 27.50 -4.80
C LEU C 78 23.47 27.40 -3.47
N LYS C 79 22.30 28.05 -3.40
CA LYS C 79 21.51 28.14 -2.16
C LYS C 79 20.81 26.83 -1.75
N HIS C 80 20.89 26.52 -0.46
CA HIS C 80 20.22 25.37 0.11
C HIS C 80 18.74 25.61 0.12
N ARG C 81 17.98 24.60 -0.26
CA ARG C 81 16.53 24.71 -0.21
C ARG C 81 16.01 24.73 1.23
N PHE C 82 16.63 23.93 2.09
CA PHE C 82 16.18 23.80 3.47
C PHE C 82 17.11 24.49 4.48
N GLU C 83 16.54 25.20 5.46
CA GLU C 83 17.29 25.59 6.65
C GLU C 83 17.14 24.47 7.66
N ILE C 84 18.25 24.05 8.25
CA ILE C 84 18.25 22.96 9.20
C ILE C 84 18.28 23.61 10.60
N ILE C 85 17.18 23.42 11.30
CA ILE C 85 16.94 23.95 12.64
C ILE C 85 17.40 22.90 13.69
N GLU C 86 17.13 21.64 13.41
CA GLU C 86 17.55 20.54 14.29
C GLU C 86 19.08 20.54 14.35
N GLY C 87 19.59 20.22 15.54
CA GLY C 87 21.02 20.17 15.81
C GLY C 87 21.62 21.44 16.40
N ARG C 88 21.00 22.59 16.11
CA ARG C 88 21.38 23.82 16.79
C ARG C 88 20.89 23.74 18.22
N ASP C 89 21.57 24.39 19.16
CA ASP C 89 21.04 24.42 20.54
C ASP C 89 19.70 25.19 20.49
N ARG C 90 18.85 24.98 21.48
CA ARG C 90 17.49 25.51 21.36
C ARG C 90 17.55 27.01 21.23
N ILE C 91 18.47 27.67 21.91
CA ILE C 91 18.48 29.18 21.85
C ILE C 91 18.83 29.65 20.43
N MET C 92 19.82 29.00 19.84
CA MET C 92 20.22 29.32 18.46
C MET C 92 19.13 28.98 17.45
N ALA C 93 18.47 27.85 17.67
CA ALA C 93 17.36 27.41 16.83
C ALA C 93 16.23 28.46 16.74
N TRP C 94 15.86 29.02 17.89
CA TRP C 94 14.84 30.08 17.91
C TRP C 94 15.27 31.35 17.26
N THR C 95 16.55 31.70 17.41
CA THR C 95 17.09 32.88 16.75
C THR C 95 16.94 32.71 15.23
N VAL C 96 17.27 31.54 14.73
CA VAL C 96 17.09 31.20 13.30
C VAL C 96 15.59 31.22 12.89
N VAL C 97 14.74 30.55 13.66
CA VAL C 97 13.27 30.61 13.44
C VAL C 97 12.72 32.05 13.45
N ASN C 98 13.10 32.87 14.44
CA ASN C 98 12.55 34.25 14.53
C ASN C 98 12.96 35.07 13.32
N SER C 99 14.19 34.87 12.89
CA SER C 99 14.78 35.54 11.74
C SER C 99 14.09 35.17 10.43
N ILE C 100 13.74 33.89 10.25
CA ILE C 100 12.97 33.46 9.08
C ILE C 100 11.56 34.01 9.11
N CYS C 101 10.90 33.92 10.27
CA CYS C 101 9.55 34.46 10.42
C CYS C 101 9.49 35.95 10.10
N ASN C 102 10.56 36.67 10.41
CA ASN C 102 10.63 38.12 10.14
C ASN C 102 10.85 38.43 8.67
N THR C 103 11.74 37.68 8.01
CA THR C 103 11.97 37.85 6.57
C THR C 103 10.76 37.40 5.75
N THR C 104 10.34 36.17 5.96
CA THR C 104 9.28 35.54 5.15
C THR C 104 7.83 35.93 5.50
N GLY C 105 7.59 36.38 6.72
CA GLY C 105 6.23 36.60 7.21
C GLY C 105 5.42 35.35 7.55
N VAL C 106 6.02 34.15 7.49
CA VAL C 106 5.29 32.92 7.86
C VAL C 106 5.02 32.94 9.36
N GLU C 107 3.98 32.25 9.79
CA GLU C 107 3.60 32.22 11.22
C GLU C 107 4.65 31.51 12.09
N LYS C 108 4.81 32.04 13.31
CA LYS C 108 5.75 31.50 14.31
C LYS C 108 5.32 30.17 14.88
N PRO C 109 6.13 29.14 14.69
CA PRO C 109 5.68 27.89 15.32
C PRO C 109 5.66 28.02 16.84
N LYS C 110 4.73 27.31 17.50
CA LYS C 110 4.69 27.29 18.96
C LYS C 110 5.83 26.46 19.52
N PHE C 111 6.28 25.46 18.77
CA PHE C 111 7.35 24.58 19.20
C PHE C 111 8.41 24.49 18.13
N LEU C 112 9.66 24.29 18.52
CA LEU C 112 10.74 24.20 17.54
C LEU C 112 10.54 23.10 16.51
N PRO C 113 10.55 23.45 15.23
CA PRO C 113 10.48 22.48 14.15
C PRO C 113 11.87 21.98 13.79
N ASP C 114 12.00 21.10 12.81
CA ASP C 114 13.29 20.54 12.43
C ASP C 114 13.90 21.22 11.21
N LEU C 115 13.05 21.72 10.32
CA LEU C 115 13.52 22.33 9.05
C LEU C 115 12.65 23.51 8.67
N TYR C 116 13.21 24.38 7.83
CA TYR C 116 12.38 25.35 7.07
C TYR C 116 12.61 25.12 5.59
N ASP C 117 11.53 25.02 4.83
CA ASP C 117 11.59 24.79 3.40
C ASP C 117 11.42 26.16 2.76
N TYR C 118 12.50 26.67 2.19
CA TYR C 118 12.46 27.95 1.47
C TYR C 118 11.66 27.96 0.15
N LYS C 119 11.40 26.79 -0.46
CA LYS C 119 10.60 26.75 -1.68
C LYS C 119 9.11 26.83 -1.30
N GLU C 120 8.68 25.99 -0.37
CA GLU C 120 7.26 25.94 0.01
C GLU C 120 6.97 26.98 1.08
N ASN C 121 8.00 27.62 1.60
CA ASN C 121 7.86 28.58 2.71
C ASN C 121 7.04 28.04 3.86
N ARG C 122 7.55 26.97 4.45
CA ARG C 122 6.91 26.36 5.60
C ARG C 122 7.91 25.56 6.44
N PHE C 123 7.65 25.50 7.74
CA PHE C 123 8.46 24.69 8.65
C PHE C 123 8.02 23.25 8.53
N ILE C 124 8.94 22.35 8.84
CA ILE C 124 8.70 20.92 8.76
C ILE C 124 9.17 20.29 10.08
N GLU C 125 8.33 19.40 10.60
CA GLU C 125 8.67 18.53 11.70
C GLU C 125 8.88 17.11 11.15
N ILE C 126 10.05 16.56 11.42
CA ILE C 126 10.42 15.22 11.02
C ILE C 126 10.27 14.27 12.22
N GLY C 127 9.53 13.18 12.03
CA GLY C 127 9.40 12.15 13.06
C GLY C 127 10.04 10.90 12.54
N VAL C 128 10.83 10.21 13.38
CA VAL C 128 11.36 8.88 13.08
C VAL C 128 10.80 8.02 14.20
N THR C 129 10.01 6.99 13.84
CA THR C 129 9.34 6.18 14.83
C THR C 129 9.77 4.70 14.72
N ARG C 130 9.86 4.07 15.89
CA ARG C 130 10.06 2.64 15.98
C ARG C 130 8.71 1.97 16.24
N ARG C 131 7.65 2.78 16.25
CA ARG C 131 6.30 2.24 16.32
C ARG C 131 5.75 2.33 14.92
N GLU C 132 4.52 2.81 14.76
CA GLU C 132 3.93 2.88 13.44
C GLU C 132 3.56 4.32 13.20
N VAL C 133 3.47 4.67 11.93
CA VAL C 133 3.53 6.04 11.54
C VAL C 133 2.32 6.89 11.96
N HIS C 134 1.10 6.36 11.85
CA HIS C 134 -0.05 7.17 12.23
C HIS C 134 -0.09 7.49 13.71
N ILE C 135 0.27 6.51 14.55
CA ILE C 135 0.26 6.71 16.01
C ILE C 135 1.14 7.91 16.30
N TYR C 136 2.29 7.94 15.63
CA TYR C 136 3.28 8.97 15.89
C TYR C 136 2.87 10.24 15.22
N TYR C 137 2.24 10.14 14.04
CA TYR C 137 1.76 11.33 13.35
C TYR C 137 0.77 12.07 14.22
N LEU C 138 -0.21 11.34 14.75
CA LEU C 138 -1.26 11.89 15.62
C LEU C 138 -0.68 12.52 16.90
N GLU C 139 0.33 11.89 17.47
CA GLU C 139 1.04 12.50 18.62
C GLU C 139 1.64 13.85 18.24
N LYS C 140 2.28 13.93 17.09
CA LYS C 140 2.92 15.17 16.67
C LYS C 140 1.89 16.23 16.38
N ALA C 141 0.84 15.83 15.66
CA ALA C 141 -0.24 16.74 15.25
C ALA C 141 -1.00 17.32 16.43
N ASN C 142 -1.23 16.50 17.46
CA ASN C 142 -1.91 17.00 18.64
C ASN C 142 -1.02 17.97 19.43
N LYS C 143 0.29 17.77 19.40
CA LYS C 143 1.22 18.71 20.05
C LYS C 143 1.30 20.07 19.33
N ILE C 144 1.48 20.07 18.02
CA ILE C 144 1.38 21.32 17.25
C ILE C 144 -0.06 21.85 17.28
N GLU C 147 -0.70 23.91 13.37
CA GLU C 147 -1.47 23.86 12.14
C GLU C 147 -0.65 24.16 10.90
N LYS C 148 0.29 25.11 11.00
CA LYS C 148 1.04 25.56 9.82
C LYS C 148 2.31 24.72 9.56
N THR C 149 2.76 23.99 10.56
CA THR C 149 3.94 23.14 10.41
C THR C 149 3.60 21.85 9.68
N HIS C 150 4.37 21.53 8.66
CA HIS C 150 4.22 20.31 7.91
C HIS C 150 4.89 19.16 8.64
N ILE C 151 4.22 18.01 8.77
CA ILE C 151 4.77 16.82 9.48
C ILE C 151 5.08 15.71 8.49
N HIS C 152 6.27 15.14 8.60
CA HIS C 152 6.69 14.02 7.78
C HIS C 152 7.34 12.99 8.66
N ILE C 153 6.73 11.81 8.71
CA ILE C 153 7.12 10.72 9.60
C ILE C 153 7.69 9.56 8.80
N PHE C 154 8.82 9.03 9.25
CA PHE C 154 9.46 7.86 8.63
C PHE C 154 9.48 6.74 9.68
N SER C 155 9.46 5.50 9.22
CA SER C 155 9.63 4.34 10.11
C SER C 155 10.81 3.56 9.59
N PHE C 156 11.26 2.60 10.39
CA PHE C 156 12.34 1.69 10.02
C PHE C 156 11.81 0.51 9.21
N THR C 157 10.49 0.34 9.23
CA THR C 157 9.86 -0.75 8.51
C THR C 157 9.49 -0.32 7.08
N GLY C 158 9.84 0.91 6.71
CA GLY C 158 9.64 1.40 5.35
C GLY C 158 8.40 2.26 5.16
N GLU C 159 7.50 2.27 6.14
CA GLU C 159 6.31 3.12 6.07
C GLU C 159 6.73 4.58 6.11
N GLU C 160 5.88 5.42 5.53
CA GLU C 160 6.10 6.85 5.49
C GLU C 160 4.77 7.57 5.54
N MET C 161 4.69 8.67 6.26
CA MET C 161 3.45 9.46 6.29
C MET C 161 3.71 10.95 6.37
N ALA C 162 2.91 11.74 5.65
CA ALA C 162 3.13 13.19 5.64
C ALA C 162 1.85 13.97 5.52
N THR C 163 1.84 15.21 6.02
CA THR C 163 0.58 15.94 6.03
C THR C 163 0.07 16.17 4.60
N LYS C 164 -1.24 15.94 4.43
CA LYS C 164 -1.92 16.06 3.14
C LYS C 164 -1.39 15.12 2.06
N ALA C 165 -0.73 14.03 2.47
CA ALA C 165 -0.05 13.13 1.54
C ALA C 165 0.91 13.92 0.62
N ASP C 166 1.48 15.00 1.16
CA ASP C 166 2.42 15.88 0.45
C ASP C 166 3.81 15.61 1.06
N TYR C 167 4.58 14.80 0.35
CA TYR C 167 5.81 14.26 0.86
C TYR C 167 7.04 15.16 0.61
N THR C 168 6.82 16.32 -0.03
CA THR C 168 7.87 17.37 -0.18
C THR C 168 8.92 16.94 -1.22
N LEU C 169 9.66 15.89 -0.88
CA LEU C 169 10.81 15.44 -1.65
C LEU C 169 10.36 14.53 -2.79
N ASP C 170 11.19 14.44 -3.83
CA ASP C 170 11.07 13.38 -4.84
C ASP C 170 11.14 12.00 -4.21
N GLU C 171 10.60 11.01 -4.92
CA GLU C 171 10.54 9.62 -4.43
C GLU C 171 11.94 9.04 -4.19
N GLU C 172 12.89 9.39 -5.04
CA GLU C 172 14.25 8.85 -4.91
C GLU C 172 14.97 9.35 -3.66
N SER C 173 14.75 10.62 -3.30
CA SER C 173 15.29 11.12 -2.02
C SER C 173 14.70 10.37 -0.85
N ARG C 174 13.39 10.19 -0.89
CA ARG C 174 12.67 9.55 0.22
C ARG C 174 13.14 8.10 0.33
N ALA C 175 13.40 7.49 -0.82
CA ALA C 175 13.93 6.12 -0.89
C ALA C 175 15.30 6.02 -0.20
N ARG C 176 16.19 6.97 -0.51
CA ARG C 176 17.51 7.01 0.15
C ARG C 176 17.38 7.00 1.70
N ILE C 177 16.49 7.84 2.23
CA ILE C 177 16.20 7.84 3.67
C ILE C 177 15.68 6.49 4.19
N LYS C 178 14.74 5.89 3.45
CA LYS C 178 14.16 4.61 3.89
C LYS C 178 15.21 3.50 3.88
N THR C 179 15.98 3.42 2.80
CA THR C 179 17.06 2.45 2.67
C THR C 179 18.07 2.60 3.80
N ARG C 180 18.46 3.84 4.10
CA ARG C 180 19.36 4.07 5.23
C ARG C 180 18.75 3.54 6.55
N LEU C 181 17.49 3.84 6.80
CA LEU C 181 16.85 3.33 7.99
C LEU C 181 16.78 1.78 7.93
N PHE C 182 16.50 1.21 6.75
CA PHE C 182 16.55 -0.26 6.54
C PHE C 182 17.93 -0.80 6.87
N THR C 183 18.96 -0.09 6.44
CA THR C 183 20.34 -0.50 6.71
C THR C 183 20.64 -0.46 8.20
N ILE C 184 20.14 0.56 8.90
CA ILE C 184 20.38 0.69 10.36
C ILE C 184 19.73 -0.44 11.10
N ARG C 185 18.48 -0.69 10.75
CA ARG C 185 17.71 -1.84 11.24
C ARG C 185 18.53 -3.14 11.22
N GLN C 186 18.95 -3.55 10.03
CA GLN C 186 19.70 -4.79 9.83
C GLN C 186 21.04 -4.78 10.54
N GLU C 187 21.72 -3.64 10.55
CA GLU C 187 23.00 -3.55 11.26
C GLU C 187 22.79 -3.84 12.76
N MET C 188 21.70 -3.31 13.33
CA MET C 188 21.38 -3.55 14.75
C MET C 188 20.88 -4.97 15.02
N ALA C 189 20.02 -5.47 14.14
CA ALA C 189 19.48 -6.85 14.28
C ALA C 189 20.61 -7.88 14.30
N SER C 190 21.58 -7.70 13.41
CA SER C 190 22.80 -8.53 13.39
C SER C 190 23.47 -8.64 14.76
N ARG C 191 23.48 -7.54 15.51
CA ARG C 191 24.20 -7.46 16.79
C ARG C 191 23.29 -7.57 18.01
N SER C 192 22.04 -7.98 17.77
CA SER C 192 21.09 -8.26 18.84
C SER C 192 20.71 -7.00 19.61
N LEU C 193 20.77 -5.84 18.96
CA LEU C 193 20.44 -4.56 19.60
C LEU C 193 19.07 -4.04 19.21
N TRP C 194 18.54 -4.48 18.06
CA TRP C 194 17.28 -3.94 17.52
C TRP C 194 16.07 -4.10 18.42
N ASP C 195 15.83 -5.30 18.95
CA ASP C 195 14.61 -5.51 19.77
C ASP C 195 14.53 -4.51 20.94
N SER C 196 15.63 -4.37 21.67
CA SER C 196 15.73 -3.39 22.76
C SER C 196 15.53 -1.95 22.27
N PHE C 197 16.13 -1.63 21.13
CA PHE C 197 16.01 -0.28 20.58
C PHE C 197 14.56 -0.01 20.17
N ARG C 198 13.98 -0.91 19.39
CA ARG C 198 12.59 -0.78 18.94
C ARG C 198 11.64 -0.45 20.09
N GLN C 199 11.68 -1.26 21.15
CA GLN C 199 10.69 -1.19 22.24
C GLN C 199 10.86 -0.05 23.25
N SER C 200 11.96 0.70 23.18
CA SER C 200 12.20 1.79 24.14
C SER C 200 11.57 3.16 23.81
N GLU C 201 10.98 3.30 22.63
CA GLU C 201 10.31 4.57 22.26
C GLU C 201 9.07 4.83 23.13
N ARG C 202 8.84 6.09 23.51
CA ARG C 202 7.63 6.47 24.27
C ARG C 202 7.03 7.78 23.75
N ALA D 6 -19.33 27.52 2.21
CA ALA D 6 -20.53 26.65 2.30
C ALA D 6 -20.17 25.18 2.55
N MET D 7 -20.92 24.56 3.46
CA MET D 7 -20.67 23.16 3.81
C MET D 7 -20.76 22.20 2.60
N GLU D 8 -21.65 22.47 1.65
CA GLU D 8 -21.78 21.59 0.48
C GLU D 8 -20.52 21.62 -0.40
N ASP D 9 -19.93 22.81 -0.53
CA ASP D 9 -18.67 22.95 -1.25
C ASP D 9 -17.53 22.22 -0.52
N PHE D 10 -17.49 22.35 0.81
CA PHE D 10 -16.46 21.69 1.57
C PHE D 10 -16.50 20.18 1.37
N VAL D 11 -17.71 19.62 1.47
CA VAL D 11 -17.91 18.19 1.34
C VAL D 11 -17.39 17.67 0.02
N ARG D 12 -17.68 18.35 -1.08
CA ARG D 12 -17.21 17.94 -2.41
C ARG D 12 -15.69 18.09 -2.59
N GLN D 13 -15.08 18.98 -1.83
CA GLN D 13 -13.63 19.12 -1.90
C GLN D 13 -12.90 18.22 -0.94
N CYS D 14 -13.55 17.84 0.15
CA CYS D 14 -12.91 17.15 1.24
C CYS D 14 -13.00 15.61 1.08
N PHE D 15 -14.11 15.12 0.51
CA PHE D 15 -14.36 13.67 0.35
C PHE D 15 -14.24 13.20 -1.10
N ASN D 16 -13.70 11.99 -1.26
CA ASN D 16 -13.65 11.30 -2.54
C ASN D 16 -15.06 11.33 -3.17
N PRO D 17 -15.15 11.57 -4.48
CA PRO D 17 -16.48 11.60 -5.17
C PRO D 17 -17.30 10.34 -5.03
N MET D 18 -16.63 9.22 -4.86
CA MET D 18 -17.34 7.96 -4.71
C MET D 18 -18.01 7.84 -3.34
N ILE D 19 -17.35 8.35 -2.30
CA ILE D 19 -17.96 8.41 -0.99
C ILE D 19 -19.17 9.34 -1.01
N VAL D 20 -19.02 10.48 -1.67
CA VAL D 20 -20.09 11.48 -1.74
C VAL D 20 -21.32 10.88 -2.43
N GLU D 21 -21.13 10.19 -3.54
CA GLU D 21 -22.26 9.62 -4.25
C GLU D 21 -22.92 8.55 -3.43
N LEU D 22 -22.15 7.68 -2.75
CA LEU D 22 -22.75 6.67 -1.93
C LEU D 22 -23.49 7.31 -0.78
N ALA D 23 -22.91 8.38 -0.19
CA ALA D 23 -23.57 9.13 0.90
C ALA D 23 -24.86 9.84 0.42
N GLU D 24 -24.84 10.45 -0.77
CA GLU D 24 -26.02 11.08 -1.34
C GLU D 24 -27.13 10.08 -1.55
N LYS D 25 -26.81 8.91 -2.10
CA LYS D 25 -27.84 7.89 -2.36
C LYS D 25 -28.44 7.37 -1.02
N ALA D 26 -27.62 7.23 0.01
CA ALA D 26 -28.11 6.75 1.34
C ALA D 26 -29.03 7.81 1.99
N MET D 27 -28.64 9.10 1.93
CA MET D 27 -29.56 10.17 2.37
C MET D 27 -30.91 10.19 1.73
N LYS D 28 -30.92 10.04 0.42
CA LYS D 28 -32.12 10.06 -0.34
C LYS D 28 -33.02 8.87 0.06
N GLU D 29 -32.41 7.71 0.20
CA GLU D 29 -33.11 6.53 0.68
C GLU D 29 -33.65 6.81 2.11
N TYR D 30 -32.82 7.39 2.97
CA TYR D 30 -33.12 7.70 4.39
C TYR D 30 -34.17 8.83 4.45
N GLY D 31 -34.62 9.34 3.28
CA GLY D 31 -35.67 10.34 3.22
C GLY D 31 -35.25 11.81 3.37
N GLU D 32 -33.95 12.07 3.32
CA GLU D 32 -33.46 13.42 3.56
C GLU D 32 -32.77 14.02 2.34
N ASP D 33 -32.69 15.33 2.34
CA ASP D 33 -32.25 16.08 1.19
C ASP D 33 -30.86 16.67 1.47
N PRO D 34 -29.83 16.21 0.76
CA PRO D 34 -28.48 16.66 1.11
C PRO D 34 -28.19 18.15 0.90
N LYS D 35 -29.05 18.83 0.13
CA LYS D 35 -28.87 20.26 -0.18
C LYS D 35 -29.37 21.13 0.97
N ILE D 36 -30.33 20.61 1.73
CA ILE D 36 -30.85 21.32 2.89
C ILE D 36 -30.05 20.95 4.11
N GLU D 37 -29.97 19.64 4.37
CA GLU D 37 -29.36 19.13 5.59
C GLU D 37 -27.85 18.96 5.37
N THR D 38 -27.16 20.07 5.14
CA THR D 38 -25.79 19.98 4.67
C THR D 38 -24.85 19.51 5.77
N ASN D 39 -25.11 19.85 7.04
CA ASN D 39 -24.28 19.34 8.13
C ASN D 39 -24.47 17.84 8.30
N LYS D 40 -25.70 17.36 8.15
CA LYS D 40 -25.96 15.96 8.23
C LYS D 40 -25.30 15.19 7.07
N PHE D 41 -25.30 15.78 5.87
CA PHE D 41 -24.64 15.20 4.70
C PHE D 41 -23.14 15.00 4.99
N ALA D 42 -22.49 16.03 5.55
CA ALA D 42 -21.08 15.94 5.92
C ALA D 42 -20.84 14.82 6.94
N ALA D 43 -21.73 14.74 7.93
CA ALA D 43 -21.68 13.68 8.96
C ALA D 43 -21.85 12.28 8.33
N ILE D 44 -22.75 12.14 7.37
CA ILE D 44 -22.99 10.85 6.71
C ILE D 44 -21.75 10.44 5.90
N CYS D 45 -21.19 11.40 5.13
CA CYS D 45 -19.92 11.18 4.44
C CYS D 45 -18.81 10.73 5.40
N THR D 46 -18.71 11.36 6.56
CA THR D 46 -17.60 11.11 7.50
C THR D 46 -17.74 9.68 8.04
N HIS D 47 -18.98 9.35 8.43
CA HIS D 47 -19.31 8.02 8.96
C HIS D 47 -19.08 6.94 7.96
N LEU D 48 -19.46 7.13 6.70
CA LEU D 48 -19.21 6.14 5.68
C LEU D 48 -17.71 5.93 5.45
N GLU D 49 -17.00 7.05 5.36
CA GLU D 49 -15.55 6.98 5.22
C GLU D 49 -14.94 6.20 6.38
N VAL D 50 -15.38 6.48 7.61
CA VAL D 50 -14.92 5.75 8.79
C VAL D 50 -15.17 4.22 8.68
N CYS D 51 -16.35 3.82 8.16
CA CYS D 51 -16.67 2.39 7.97
C CYS D 51 -15.73 1.78 6.97
N PHE D 52 -15.44 2.45 5.85
CA PHE D 52 -14.47 1.93 4.92
C PHE D 52 -13.04 1.82 5.52
N MET D 53 -12.63 2.86 6.27
CA MET D 53 -11.29 2.88 6.91
C MET D 53 -11.14 1.77 7.94
N TYR D 54 -12.22 1.47 8.66
CA TYR D 54 -12.23 0.40 9.69
C TYR D 54 -11.93 -0.90 9.03
N SER D 55 -12.50 -1.10 7.85
CA SER D 55 -12.37 -2.36 7.12
C SER D 55 -11.08 -2.51 6.29
N ASP D 56 -10.60 -1.39 5.73
CA ASP D 56 -9.42 -1.37 4.87
C ASP D 56 -8.25 -2.16 5.45
N PHE D 57 -7.66 -3.01 4.61
CA PHE D 57 -6.38 -3.68 4.88
C PHE D 57 -6.45 -4.84 5.85
N HIS D 58 -7.63 -5.13 6.39
CA HIS D 58 -7.78 -6.21 7.36
C HIS D 58 -8.33 -7.44 6.73
N PHE D 59 -7.59 -8.53 6.90
CA PHE D 59 -7.96 -9.81 6.34
C PHE D 59 -7.74 -10.89 7.41
N ILE D 60 -8.14 -12.10 7.12
CA ILE D 60 -7.93 -13.21 8.04
C ILE D 60 -7.12 -14.28 7.32
N ASP D 61 -6.11 -14.83 7.99
CA ASP D 61 -5.27 -15.88 7.40
C ASP D 61 -5.91 -17.26 7.58
N GLU D 62 -5.35 -18.26 6.90
CA GLU D 62 -6.00 -19.58 6.84
C GLU D 62 -6.01 -20.37 8.14
N ARG D 63 -5.13 -20.03 9.08
CA ARG D 63 -5.31 -20.46 10.47
C ARG D 63 -6.58 -19.82 11.08
N GLY D 64 -6.79 -18.53 10.79
CA GLY D 64 -7.92 -17.76 11.32
C GLY D 64 -7.51 -16.59 12.21
N GLU D 65 -6.28 -16.13 12.05
CA GLU D 65 -5.75 -15.00 12.83
C GLU D 65 -5.82 -13.70 12.00
N SER D 66 -5.88 -12.57 12.68
CA SER D 66 -5.98 -11.25 12.04
C SER D 66 -4.68 -10.90 11.32
N ILE D 67 -4.76 -10.49 10.06
CA ILE D 67 -3.58 -9.94 9.37
C ILE D 67 -3.90 -8.59 8.75
N ILE D 68 -2.91 -7.70 8.77
CA ILE D 68 -3.01 -6.40 8.18
C ILE D 68 -2.17 -6.43 6.93
N VAL D 69 -2.76 -6.18 5.76
CA VAL D 69 -2.07 -6.16 4.47
C VAL D 69 -2.39 -4.87 3.76
N GLU D 70 -1.39 -3.99 3.63
CA GLU D 70 -1.65 -2.62 3.18
C GLU D 70 -1.49 -2.51 1.67
N SER D 71 -0.40 -3.08 1.15
CA SER D 71 -0.21 -3.19 -0.28
C SER D 71 -1.42 -3.91 -0.87
N GLY D 72 -2.04 -3.32 -1.89
CA GLY D 72 -3.10 -3.99 -2.65
C GLY D 72 -2.43 -4.73 -3.79
N ASP D 73 -1.97 -5.94 -3.53
CA ASP D 73 -1.32 -6.74 -4.58
C ASP D 73 -2.38 -7.27 -5.54
N PRO D 74 -2.12 -7.15 -6.86
CA PRO D 74 -3.00 -7.71 -7.87
C PRO D 74 -3.36 -9.19 -7.72
N ASN D 75 -2.43 -10.05 -7.29
CA ASN D 75 -2.80 -11.47 -7.08
C ASN D 75 -3.32 -11.89 -5.70
N ALA D 76 -3.55 -10.94 -4.79
CA ALA D 76 -4.09 -11.24 -3.46
C ALA D 76 -5.61 -11.50 -3.47
N LEU D 77 -6.05 -12.65 -2.95
CA LEU D 77 -7.49 -12.89 -2.72
C LEU D 77 -7.79 -13.33 -1.27
N LEU D 78 -7.46 -12.43 -0.34
CA LEU D 78 -7.47 -12.76 1.07
C LEU D 78 -8.89 -12.79 1.64
N LYS D 79 -9.08 -13.49 2.75
CA LYS D 79 -10.38 -13.46 3.46
C LYS D 79 -10.48 -12.08 4.09
N HIS D 80 -11.51 -11.33 3.73
CA HIS D 80 -11.80 -10.02 4.40
C HIS D 80 -12.13 -10.20 5.84
N ARG D 81 -11.60 -9.35 6.70
CA ARG D 81 -11.98 -9.47 8.08
C ARG D 81 -13.42 -8.97 8.33
N PHE D 82 -13.82 -7.95 7.56
CA PHE D 82 -15.07 -7.23 7.83
C PHE D 82 -15.89 -7.22 6.55
N GLU D 83 -17.19 -7.29 6.70
CA GLU D 83 -18.10 -6.99 5.64
C GLU D 83 -18.70 -5.63 5.94
N ILE D 84 -18.94 -4.79 4.93
CA ILE D 84 -19.49 -3.46 5.19
C ILE D 84 -20.96 -3.43 4.79
N ILE D 85 -21.80 -3.06 5.72
CA ILE D 85 -23.22 -3.00 5.47
C ILE D 85 -23.65 -1.54 5.15
N GLU D 86 -23.11 -0.57 5.90
CA GLU D 86 -23.38 0.86 5.67
C GLU D 86 -22.98 1.19 4.23
N GLY D 87 -23.79 2.03 3.60
CA GLY D 87 -23.61 2.45 2.26
C GLY D 87 -24.42 1.71 1.25
N ARG D 88 -24.93 0.52 1.61
CA ARG D 88 -25.78 -0.27 0.74
C ARG D 88 -27.21 0.18 0.93
N ASP D 89 -28.02 0.03 -0.07
CA ASP D 89 -29.45 0.31 0.13
C ASP D 89 -30.07 -0.78 0.98
N ARG D 90 -31.29 -0.56 1.45
CA ARG D 90 -31.85 -1.49 2.43
C ARG D 90 -31.95 -2.90 1.91
N ILE D 91 -32.33 -3.02 0.64
CA ILE D 91 -32.54 -4.33 0.02
C ILE D 91 -31.24 -5.09 0.04
N MET D 92 -30.16 -4.40 -0.39
CA MET D 92 -28.84 -5.07 -0.46
C MET D 92 -28.25 -5.29 0.87
N ALA D 93 -28.43 -4.33 1.80
CA ALA D 93 -28.01 -4.48 3.17
C ALA D 93 -28.61 -5.70 3.85
N TRP D 94 -29.93 -5.94 3.71
CA TRP D 94 -30.48 -7.16 4.28
C TRP D 94 -30.06 -8.43 3.59
N THR D 95 -29.83 -8.35 2.30
CA THR D 95 -29.38 -9.48 1.54
C THR D 95 -28.03 -9.92 2.17
N VAL D 96 -27.15 -8.96 2.40
CA VAL D 96 -25.83 -9.24 3.03
C VAL D 96 -25.93 -9.75 4.48
N VAL D 97 -26.74 -9.10 5.30
CA VAL D 97 -26.99 -9.55 6.65
C VAL D 97 -27.56 -10.98 6.63
N ASN D 98 -28.51 -11.25 5.74
CA ASN D 98 -29.10 -12.61 5.65
C ASN D 98 -28.01 -13.66 5.33
N SER D 99 -27.14 -13.30 4.37
CA SER D 99 -26.07 -14.20 3.93
C SER D 99 -25.11 -14.48 5.06
N ILE D 100 -24.72 -13.43 5.79
CA ILE D 100 -23.82 -13.55 6.92
C ILE D 100 -24.41 -14.47 7.99
N CYS D 101 -25.66 -14.23 8.35
CA CYS D 101 -26.28 -15.03 9.41
C CYS D 101 -26.40 -16.49 8.99
N ASN D 102 -26.67 -16.73 7.71
CA ASN D 102 -26.70 -18.10 7.17
C ASN D 102 -25.33 -18.81 7.26
N THR D 103 -24.25 -18.14 6.83
CA THR D 103 -22.94 -18.77 6.65
C THR D 103 -22.09 -18.78 7.91
N THR D 104 -22.47 -18.01 8.92
CA THR D 104 -21.80 -18.00 10.20
C THR D 104 -22.63 -18.48 11.39
N GLY D 105 -23.95 -18.51 11.23
CA GLY D 105 -24.82 -18.90 12.32
C GLY D 105 -25.05 -17.88 13.42
N VAL D 106 -24.56 -16.66 13.24
CA VAL D 106 -24.72 -15.62 14.27
C VAL D 106 -26.16 -15.11 14.32
N GLU D 107 -26.55 -14.60 15.48
CA GLU D 107 -27.88 -14.08 15.71
C GLU D 107 -28.16 -12.89 14.78
N LYS D 108 -29.37 -12.83 14.25
CA LYS D 108 -29.67 -11.74 13.29
C LYS D 108 -30.12 -10.48 13.99
N PRO D 109 -29.51 -9.34 13.68
CA PRO D 109 -29.95 -8.11 14.28
C PRO D 109 -31.36 -7.67 13.77
N LYS D 110 -32.03 -6.85 14.56
CA LYS D 110 -33.36 -6.34 14.21
C LYS D 110 -33.29 -5.01 13.44
N PHE D 111 -32.07 -4.49 13.26
CA PHE D 111 -31.81 -3.18 12.55
C PHE D 111 -30.53 -3.41 11.80
N LEU D 112 -30.24 -2.59 10.80
CA LEU D 112 -29.05 -2.77 10.06
C LEU D 112 -27.83 -2.13 10.79
N PRO D 113 -26.84 -2.94 11.17
CA PRO D 113 -25.57 -2.40 11.67
C PRO D 113 -24.66 -1.89 10.59
N ASP D 114 -23.46 -1.50 10.95
CA ASP D 114 -22.51 -0.94 9.97
C ASP D 114 -21.55 -1.93 9.35
N LEU D 115 -20.99 -2.87 10.14
CA LEU D 115 -20.04 -3.86 9.68
C LEU D 115 -20.35 -5.23 10.30
N TYR D 116 -19.74 -6.25 9.72
CA TYR D 116 -19.67 -7.57 10.34
C TYR D 116 -18.18 -7.97 10.43
N ASP D 117 -17.79 -8.48 11.59
CA ASP D 117 -16.42 -8.92 11.91
C ASP D 117 -16.42 -10.44 11.85
N TYR D 118 -15.86 -10.97 10.76
CA TYR D 118 -15.66 -12.41 10.58
C TYR D 118 -14.69 -13.09 11.56
N LYS D 119 -13.82 -12.33 12.24
CA LYS D 119 -12.92 -12.92 13.24
C LYS D 119 -13.67 -13.06 14.58
N GLU D 120 -14.28 -11.96 15.04
CA GLU D 120 -14.97 -11.94 16.30
C GLU D 120 -16.39 -12.50 16.23
N ASN D 121 -16.87 -12.72 15.01
CA ASN D 121 -18.24 -13.15 14.68
C ASN D 121 -19.28 -12.31 15.41
N ARG D 122 -19.23 -11.03 15.13
CA ARG D 122 -20.23 -10.10 15.65
C ARG D 122 -20.40 -8.90 14.73
N PHE D 123 -21.61 -8.34 14.74
CA PHE D 123 -21.90 -7.10 14.04
C PHE D 123 -21.35 -5.94 14.86
N ILE D 124 -21.05 -4.84 14.14
CA ILE D 124 -20.53 -3.64 14.76
C ILE D 124 -21.37 -2.46 14.29
N GLU D 125 -21.78 -1.64 15.26
CA GLU D 125 -22.35 -0.28 15.03
C GLU D 125 -21.25 0.78 15.35
N ILE D 126 -20.95 1.57 14.33
CA ILE D 126 -19.98 2.66 14.38
C ILE D 126 -20.74 3.95 14.57
N GLY D 127 -20.25 4.75 15.53
CA GLY D 127 -20.72 6.09 15.76
C GLY D 127 -19.57 7.05 15.55
N VAL D 128 -19.86 8.19 14.94
CA VAL D 128 -18.89 9.30 14.89
C VAL D 128 -19.64 10.50 15.43
N THR D 129 -19.15 11.12 16.50
CA THR D 129 -19.90 12.16 17.18
C THR D 129 -19.08 13.46 17.30
N ARG D 130 -19.79 14.59 17.20
CA ARG D 130 -19.24 15.91 17.52
C ARG D 130 -19.55 16.29 18.97
N ARG D 131 -20.36 15.45 19.61
CA ARG D 131 -20.70 15.60 21.04
C ARG D 131 -19.86 14.64 21.90
N GLU D 132 -20.23 14.52 23.17
CA GLU D 132 -19.59 13.61 24.10
C GLU D 132 -19.72 12.15 23.71
N VAL D 133 -18.59 11.45 23.66
CA VAL D 133 -18.54 10.04 23.25
C VAL D 133 -19.41 9.14 24.15
N HIS D 134 -19.35 9.38 25.46
CA HIS D 134 -20.19 8.65 26.42
C HIS D 134 -21.66 8.75 26.11
N ILE D 135 -22.15 9.96 25.91
CA ILE D 135 -23.57 10.17 25.65
C ILE D 135 -23.99 9.50 24.39
N TYR D 136 -23.13 9.59 23.36
CA TYR D 136 -23.48 9.05 22.08
C TYR D 136 -23.52 7.51 22.14
N TYR D 137 -22.57 6.91 22.87
CA TYR D 137 -22.57 5.47 23.10
C TYR D 137 -23.90 4.99 23.72
N LEU D 138 -24.33 5.69 24.79
CA LEU D 138 -25.55 5.29 25.50
C LEU D 138 -26.73 5.44 24.56
N GLU D 139 -26.73 6.52 23.80
CA GLU D 139 -27.76 6.74 22.81
C GLU D 139 -27.92 5.53 21.90
N LYS D 140 -26.82 5.02 21.33
CA LYS D 140 -26.84 3.78 20.52
C LYS D 140 -27.22 2.51 21.26
N ALA D 141 -26.66 2.34 22.45
CA ALA D 141 -26.97 1.18 23.29
C ALA D 141 -28.46 1.12 23.64
N ASN D 142 -29.07 2.29 23.84
CA ASN D 142 -30.50 2.39 24.10
C ASN D 142 -31.34 1.96 22.89
N LYS D 143 -30.87 2.30 21.68
CA LYS D 143 -31.51 1.83 20.42
C LYS D 143 -31.39 0.31 20.22
N ILE D 144 -30.22 -0.24 20.52
CA ILE D 144 -29.90 -1.61 20.13
C ILE D 144 -30.57 -2.63 21.05
N LYS D 145 -30.32 -2.53 22.35
CA LYS D 145 -30.87 -3.48 23.36
C LYS D 145 -30.35 -4.91 23.17
N SER D 146 -30.13 -5.30 21.91
CA SER D 146 -29.35 -6.49 21.61
C SER D 146 -27.93 -6.24 22.08
N GLU D 147 -27.54 -6.97 23.12
CA GLU D 147 -26.20 -6.88 23.68
C GLU D 147 -25.19 -7.37 22.64
N LYS D 148 -25.70 -8.03 21.58
CA LYS D 148 -24.86 -8.77 20.66
C LYS D 148 -24.19 -7.90 19.63
N THR D 149 -24.75 -6.75 19.28
CA THR D 149 -24.03 -5.84 18.37
C THR D 149 -23.02 -5.01 19.17
N HIS D 150 -21.77 -5.03 18.73
CA HIS D 150 -20.71 -4.34 19.42
C HIS D 150 -20.74 -2.90 18.97
N ILE D 151 -20.57 -1.96 19.88
CA ILE D 151 -20.64 -0.55 19.56
C ILE D 151 -19.22 0.05 19.63
N HIS D 152 -18.80 0.82 18.61
CA HIS D 152 -17.51 1.53 18.67
C HIS D 152 -17.76 2.97 18.28
N ILE D 153 -17.54 3.88 19.21
CA ILE D 153 -17.75 5.33 18.99
C ILE D 153 -16.41 6.06 18.84
N PHE D 154 -16.30 6.88 17.80
CA PHE D 154 -15.17 7.81 17.64
C PHE D 154 -15.69 9.25 17.75
N SER D 155 -14.85 10.14 18.26
CA SER D 155 -15.12 11.60 18.28
C SER D 155 -14.13 12.33 17.36
N PHE D 156 -14.40 13.56 16.99
CA PHE D 156 -13.44 14.30 16.18
C PHE D 156 -12.21 14.75 16.97
N THR D 157 -12.30 14.76 18.30
CA THR D 157 -11.21 15.24 19.16
C THR D 157 -10.37 14.09 19.71
N GLY D 158 -10.57 12.86 19.23
CA GLY D 158 -9.71 11.75 19.61
C GLY D 158 -10.24 10.76 20.64
N GLU D 159 -11.33 11.08 21.34
CA GLU D 159 -11.90 10.12 22.30
C GLU D 159 -12.58 8.96 21.55
N GLU D 160 -12.47 7.76 22.14
CA GLU D 160 -13.23 6.59 21.73
C GLU D 160 -13.98 6.01 22.91
N MET D 161 -15.03 5.25 22.62
CA MET D 161 -15.61 4.38 23.60
C MET D 161 -16.17 3.19 22.87
N ALA D 162 -15.93 2.00 23.41
CA ALA D 162 -16.42 0.80 22.75
C ALA D 162 -16.89 -0.18 23.78
N THR D 163 -17.77 -1.08 23.34
CA THR D 163 -18.39 -2.05 24.26
C THR D 163 -17.28 -2.83 24.97
N LYS D 164 -17.38 -2.91 26.29
CA LYS D 164 -16.42 -3.60 27.16
C LYS D 164 -14.98 -3.09 26.99
N ALA D 165 -14.80 -1.89 26.48
CA ALA D 165 -13.46 -1.32 26.25
C ALA D 165 -12.65 -2.22 25.29
N ASP D 166 -13.36 -2.94 24.44
CA ASP D 166 -12.76 -3.77 23.36
C ASP D 166 -12.88 -3.01 22.06
N TYR D 167 -11.74 -2.46 21.62
CA TYR D 167 -11.70 -1.56 20.49
C TYR D 167 -11.53 -2.27 19.15
N THR D 168 -11.54 -3.61 19.17
CA THR D 168 -11.53 -4.48 17.98
C THR D 168 -10.22 -4.39 17.18
N LEU D 169 -9.92 -3.19 16.68
CA LEU D 169 -8.75 -2.92 15.85
C LEU D 169 -7.47 -2.71 16.67
N ASP D 170 -6.33 -2.86 16.03
CA ASP D 170 -5.06 -2.53 16.69
C ASP D 170 -4.92 -1.00 16.77
N GLU D 171 -3.93 -0.53 17.47
CA GLU D 171 -3.81 0.90 17.72
C GLU D 171 -3.58 1.71 16.46
N GLU D 172 -2.72 1.20 15.58
CA GLU D 172 -2.40 1.89 14.31
C GLU D 172 -3.61 2.09 13.43
N SER D 173 -4.49 1.09 13.35
CA SER D 173 -5.69 1.27 12.54
C SER D 173 -6.58 2.33 13.11
N ARG D 174 -6.78 2.30 14.44
CA ARG D 174 -7.51 3.34 15.17
C ARG D 174 -6.92 4.73 14.97
N ALA D 175 -5.58 4.79 14.97
CA ALA D 175 -4.87 6.02 14.73
C ALA D 175 -5.14 6.53 13.31
N ARG D 176 -5.24 5.63 12.34
CA ARG D 176 -5.47 6.07 10.98
C ARG D 176 -6.86 6.79 10.91
N ILE D 177 -7.87 6.18 11.53
CA ILE D 177 -9.17 6.82 11.64
C ILE D 177 -9.17 8.14 12.36
N LYS D 178 -8.53 8.18 13.53
CA LYS D 178 -8.46 9.37 14.33
C LYS D 178 -7.75 10.51 13.58
N THR D 179 -6.75 10.15 12.77
CA THR D 179 -5.98 11.15 12.00
C THR D 179 -6.86 11.78 10.90
N ARG D 180 -7.68 10.98 10.24
CA ARG D 180 -8.64 11.48 9.26
C ARG D 180 -9.66 12.39 9.89
N LEU D 181 -10.22 12.00 11.04
CA LEU D 181 -11.15 12.86 11.78
C LEU D 181 -10.52 14.16 12.28
N PHE D 182 -9.29 14.07 12.81
CA PHE D 182 -8.51 15.27 13.19
C PHE D 182 -8.46 16.23 12.00
N THR D 183 -8.13 15.69 10.82
CA THR D 183 -7.96 16.47 9.58
C THR D 183 -9.25 17.15 9.11
N ILE D 184 -10.35 16.41 9.17
CA ILE D 184 -11.66 16.93 8.75
C ILE D 184 -12.06 18.14 9.62
N ARG D 185 -11.91 17.99 10.94
CA ARG D 185 -12.26 19.04 11.90
C ARG D 185 -11.35 20.26 11.71
N GLN D 186 -10.05 20.00 11.48
CA GLN D 186 -9.07 21.08 11.25
C GLN D 186 -9.38 21.85 9.98
N GLU D 187 -9.75 21.16 8.91
CA GLU D 187 -10.19 21.83 7.69
C GLU D 187 -11.49 22.59 7.85
N MET D 188 -12.47 21.99 8.50
CA MET D 188 -13.73 22.69 8.75
C MET D 188 -13.47 23.99 9.52
N ALA D 189 -12.64 23.92 10.56
CA ALA D 189 -12.31 25.07 11.38
C ALA D 189 -11.69 26.19 10.53
N SER D 190 -10.81 25.82 9.60
CA SER D 190 -10.14 26.77 8.69
C SER D 190 -11.10 27.55 7.85
N ARG D 191 -12.18 26.90 7.43
CA ARG D 191 -13.18 27.52 6.58
C ARG D 191 -14.38 28.00 7.41
N SER D 192 -14.24 28.00 8.73
CA SER D 192 -15.25 28.55 9.65
C SER D 192 -16.56 27.74 9.64
N LEU D 193 -16.47 26.43 9.35
CA LEU D 193 -17.66 25.58 9.28
C LEU D 193 -17.81 24.70 10.50
N TRP D 194 -16.82 24.72 11.39
CA TRP D 194 -16.76 23.69 12.43
C TRP D 194 -17.75 23.97 13.53
N ASP D 195 -17.83 25.22 13.98
CA ASP D 195 -18.78 25.59 15.04
C ASP D 195 -20.20 25.15 14.70
N SER D 196 -20.63 25.44 13.47
CA SER D 196 -21.97 25.12 13.00
C SER D 196 -22.16 23.61 12.87
N PHE D 197 -21.15 22.93 12.32
CA PHE D 197 -21.19 21.49 12.20
C PHE D 197 -21.29 20.85 13.58
N ARG D 198 -20.46 21.30 14.51
CA ARG D 198 -20.42 20.73 15.84
C ARG D 198 -21.78 20.87 16.56
N GLN D 199 -22.38 22.06 16.45
CA GLN D 199 -23.63 22.38 17.13
C GLN D 199 -24.89 21.78 16.49
N SER D 200 -24.79 21.38 15.22
CA SER D 200 -25.94 20.84 14.49
C SER D 200 -26.34 19.40 14.85
N GLU D 201 -25.52 18.68 15.63
CA GLU D 201 -25.79 17.27 15.92
C GLU D 201 -26.93 17.06 16.92
N ARG D 202 -27.75 16.03 16.70
CA ARG D 202 -28.84 15.67 17.62
C ARG D 202 -29.11 14.17 17.76
N GLY D 203 -30.00 13.83 18.68
CA GLY D 203 -30.49 12.45 18.85
C GLY D 203 -31.85 12.43 19.53
#